data_6LZ2
#
_entry.id   6LZ2
#
_cell.length_a   51.610
_cell.length_b   83.486
_cell.length_c   184.562
_cell.angle_alpha   90.000
_cell.angle_beta   90.000
_cell.angle_gamma   90.000
#
_symmetry.space_group_name_H-M   'P 21 21 21'
#
loop_
_entity.id
_entity.type
_entity.pdbx_description
1 polymer 'Thermostable green fluorescent protein'
2 polymer 'synthetic nanobody (sybody) 44 against the thermostable green fluorescent protein (TGP)'
3 non-polymer 'SODIUM ION'
4 non-polymer 'ACETATE ION'
5 non-polymer GLYCEROL
6 non-polymer 2-AMINO-2-HYDROXYMETHYL-PROPANE-1,3-DIOL
7 water water
#
loop_
_entity_poly.entity_id
_entity_poly.type
_entity_poly.pdbx_seq_one_letter_code
_entity_poly.pdbx_strand_id
1 'polypeptide(L)'
;MASVIKPEMKIKLRMEGAVNGHKFVIEGEGIGKPYEGTQTLDLTVEEGAPLPFSYDILTPAF(CRQ)NRAFTKYPEDIPD
YFKQAFPEGYSWERSMTYEDQGICIATSDITMEGDCFFYEIRFDGTNFPPNGPVMQKKTLKWEPSTEKMYVEDGVLKGDV
EMALLLEGGGHYRCDFKTTYKAKKDVRLPDAHEVDHRIEILSHDKDYNKVRLYEHAEARYSGGGSGGGHHHHHHHH
;
A,C
2 'polypeptide(L)'
;GSSSQVQLVESGGGLVQAGGSLRLSCAASGFPVGRASMWWYRQAPGKEREWVAAISSYGWVTAYADSVKGRFTISRDNAK
NTVYLQMNSLKPEDTAVYYCEVSVGTGYRGQGTQVTVSAGRAGEQKLISEEDLNSAVDHHHHHH
;
B,D
#
loop_
_chem_comp.id
_chem_comp.type
_chem_comp.name
_chem_comp.formula
ACT non-polymer 'ACETATE ION' 'C2 H3 O2 -1'
GOL non-polymer GLYCEROL 'C3 H8 O3'
NA non-polymer 'SODIUM ION' 'Na 1'
TRS non-polymer 2-AMINO-2-HYDROXYMETHYL-PROPANE-1,3-DIOL 'C4 H12 N O3 1'
#
# COMPACT_ATOMS: atom_id res chain seq x y z
N ALA A 2 -6.29 24.24 13.45
CA ALA A 2 -6.72 23.33 12.39
C ALA A 2 -6.13 23.75 11.04
N SER A 3 -5.66 22.77 10.27
CA SER A 3 -5.33 23.00 8.88
C SER A 3 -6.55 22.71 8.01
N VAL A 4 -6.60 23.38 6.86
CA VAL A 4 -7.60 23.04 5.85
C VAL A 4 -7.35 21.64 5.29
N ILE A 5 -6.12 21.13 5.41
CA ILE A 5 -5.80 19.79 4.97
C ILE A 5 -6.07 18.86 6.17
N LYS A 6 -7.18 18.14 6.11
CA LYS A 6 -7.62 17.23 7.17
C LYS A 6 -6.80 15.94 7.17
N PRO A 7 -6.82 15.17 8.27
CA PRO A 7 -6.15 13.86 8.28
C PRO A 7 -6.66 12.91 7.21
N GLU A 8 -7.90 13.08 6.75
CA GLU A 8 -8.42 12.27 5.67
C GLU A 8 -9.07 13.21 4.68
N MET A 9 -8.71 13.07 3.41
CA MET A 9 -9.21 13.92 2.34
C MET A 9 -9.73 13.03 1.22
N LYS A 10 -10.93 13.31 0.75
CA LYS A 10 -11.43 12.63 -0.44
C LYS A 10 -10.82 13.26 -1.69
N ILE A 11 -11.05 12.60 -2.83
CA ILE A 11 -10.51 12.99 -4.13
C ILE A 11 -11.61 12.80 -5.15
N LYS A 12 -11.76 13.78 -6.04
CA LYS A 12 -12.52 13.62 -7.26
C LYS A 12 -11.71 14.19 -8.40
N LEU A 13 -11.75 13.53 -9.55
CA LEU A 13 -10.90 13.99 -10.65
C LEU A 13 -11.58 13.62 -11.96
N ARG A 14 -11.14 14.32 -13.00
CA ARG A 14 -11.51 14.01 -14.37
C ARG A 14 -10.27 14.21 -15.23
N MET A 15 -9.97 13.23 -16.08
CA MET A 15 -8.88 13.34 -17.04
C MET A 15 -9.46 13.24 -18.43
N GLU A 16 -9.06 14.15 -19.30
CA GLU A 16 -9.33 14.07 -20.73
C GLU A 16 -7.99 14.04 -21.43
N GLY A 17 -7.88 13.21 -22.45
CA GLY A 17 -6.63 13.17 -23.13
C GLY A 17 -6.67 12.32 -24.38
N ALA A 18 -5.47 12.07 -24.91
CA ALA A 18 -5.29 11.28 -26.10
C ALA A 18 -3.87 10.76 -26.13
N VAL A 19 -3.73 9.51 -26.57
CA VAL A 19 -2.44 8.86 -26.70
C VAL A 19 -2.38 8.30 -28.11
N ASN A 20 -1.35 8.71 -28.87
CA ASN A 20 -1.17 8.29 -30.26
C ASN A 20 -2.47 8.47 -31.05
N GLY A 21 -3.20 9.54 -30.74
CA GLY A 21 -4.43 9.85 -31.43
C GLY A 21 -5.69 9.28 -30.82
N HIS A 22 -5.60 8.31 -29.91
CA HIS A 22 -6.80 7.71 -29.32
C HIS A 22 -7.28 8.55 -28.14
N LYS A 23 -8.50 9.11 -28.26
CA LYS A 23 -9.05 10.00 -27.26
C LYS A 23 -9.72 9.22 -26.16
N PHE A 24 -9.72 9.79 -24.94
CA PHE A 24 -10.36 9.08 -23.84
C PHE A 24 -10.71 10.07 -22.74
N VAL A 25 -11.65 9.66 -21.89
CA VAL A 25 -12.01 10.38 -20.68
C VAL A 25 -12.03 9.37 -19.54
N ILE A 26 -11.39 9.72 -18.42
CA ILE A 26 -11.38 8.89 -17.20
C ILE A 26 -11.80 9.74 -16.03
N GLU A 27 -12.71 9.23 -15.22
CA GLU A 27 -13.09 9.91 -13.99
C GLU A 27 -12.67 9.05 -12.80
N GLY A 28 -12.48 9.71 -11.66
CA GLY A 28 -11.96 9.05 -10.48
C GLY A 28 -12.57 9.57 -9.19
N GLU A 29 -12.69 8.69 -8.21
CA GLU A 29 -13.06 9.01 -6.84
C GLU A 29 -12.13 8.25 -5.91
N GLY A 30 -11.79 8.86 -4.79
CA GLY A 30 -10.92 8.15 -3.89
C GLY A 30 -10.81 8.83 -2.55
N ILE A 31 -9.84 8.37 -1.77
CA ILE A 31 -9.62 8.93 -0.45
C ILE A 31 -8.19 8.61 -0.05
N GLY A 32 -7.61 9.49 0.77
CA GLY A 32 -6.27 9.25 1.24
C GLY A 32 -6.01 9.98 2.54
N LYS A 33 -4.78 9.83 3.02
CA LYS A 33 -4.32 10.41 4.29
C LYS A 33 -3.11 11.29 3.97
N PRO A 34 -3.33 12.60 3.76
CA PRO A 34 -2.23 13.48 3.31
C PRO A 34 -0.98 13.45 4.18
N TYR A 35 -1.13 13.35 5.51
CA TYR A 35 0.02 13.37 6.40
C TYR A 35 0.72 12.02 6.49
N GLU A 36 0.03 10.92 6.12
CA GLU A 36 0.65 9.61 5.98
C GLU A 36 1.28 9.38 4.62
N GLY A 37 0.93 10.19 3.63
CA GLY A 37 1.41 9.98 2.27
C GLY A 37 0.81 8.78 1.55
N THR A 38 -0.45 8.43 1.85
CA THR A 38 -1.11 7.27 1.25
C THR A 38 -2.44 7.68 0.66
N GLN A 39 -2.77 7.12 -0.50
CA GLN A 39 -4.04 7.40 -1.15
C GLN A 39 -4.45 6.24 -2.05
N THR A 40 -5.76 6.12 -2.25
CA THR A 40 -6.36 5.09 -3.09
C THR A 40 -7.43 5.70 -3.98
N LEU A 41 -7.44 5.32 -5.25
CA LEU A 41 -8.37 5.90 -6.22
C LEU A 41 -9.07 4.79 -6.99
N ASP A 42 -10.36 4.98 -7.23
CA ASP A 42 -11.13 4.12 -8.11
C ASP A 42 -11.39 4.89 -9.40
N LEU A 43 -10.82 4.41 -10.51
CA LEU A 43 -10.85 5.11 -11.79
C LEU A 43 -11.75 4.36 -12.76
N THR A 44 -12.47 5.12 -13.58
CA THR A 44 -13.42 4.59 -14.54
C THR A 44 -13.23 5.26 -15.90
N VAL A 45 -13.08 4.46 -16.94
CA VAL A 45 -13.00 4.94 -18.32
C VAL A 45 -14.42 5.29 -18.77
N GLU A 46 -14.69 6.58 -18.95
CA GLU A 46 -16.00 7.05 -19.36
C GLU A 46 -16.14 7.23 -20.87
N GLU A 47 -15.03 7.41 -21.59
CA GLU A 47 -15.02 7.50 -23.04
C GLU A 47 -13.73 6.91 -23.55
N GLY A 48 -13.81 6.26 -24.72
CA GLY A 48 -12.65 5.69 -25.36
C GLY A 48 -12.32 4.28 -24.94
N ALA A 49 -13.19 3.62 -24.18
CA ALA A 49 -12.97 2.24 -23.81
C ALA A 49 -13.13 1.35 -25.04
N PRO A 50 -12.33 0.30 -25.19
CA PRO A 50 -11.21 -0.06 -24.30
C PRO A 50 -9.92 0.69 -24.70
N LEU A 51 -9.14 1.11 -23.72
CA LEU A 51 -7.92 1.84 -24.03
C LEU A 51 -6.95 0.94 -24.79
N PRO A 52 -6.37 1.40 -25.90
CA PRO A 52 -5.45 0.56 -26.67
C PRO A 52 -4.00 0.70 -26.28
N PHE A 53 -3.71 1.19 -25.06
CA PHE A 53 -2.35 1.42 -24.62
C PHE A 53 -2.22 1.04 -23.15
N SER A 54 -0.99 0.86 -22.72
CA SER A 54 -0.72 0.49 -21.33
C SER A 54 -1.32 1.53 -20.38
N TYR A 55 -2.16 1.06 -19.45
CA TYR A 55 -2.72 1.97 -18.47
C TYR A 55 -1.65 2.62 -17.61
N ASP A 56 -0.48 1.97 -17.46
CA ASP A 56 0.54 2.46 -16.55
C ASP A 56 1.05 3.86 -16.93
N ILE A 57 1.01 4.22 -18.22
CA ILE A 57 1.56 5.53 -18.57
C ILE A 57 0.74 6.66 -17.98
N LEU A 58 -0.51 6.38 -17.62
CA LEU A 58 -1.41 7.37 -17.06
C LEU A 58 -1.29 7.53 -15.54
N THR A 59 -0.85 6.47 -14.82
CA THR A 59 -1.15 6.46 -13.39
C THR A 59 -0.45 7.56 -12.59
N PRO A 60 0.81 7.95 -12.88
CA PRO A 60 1.38 9.09 -12.15
C PRO A 60 0.67 10.41 -12.41
N ALA A 61 -0.10 10.53 -13.48
CA ALA A 61 -0.90 11.74 -13.62
C ALA A 61 -2.11 11.74 -12.69
N PHE A 62 -2.56 10.56 -12.24
CA PHE A 62 -3.68 10.47 -11.32
C PHE A 62 -3.24 10.71 -9.88
N1 CRQ A 63 -2.02 10.27 -9.56
CA1 CRQ A 63 -1.17 10.08 -8.64
CB1 CRQ A 63 -1.32 9.00 -7.57
CG1 CRQ A 63 -2.75 8.44 -7.58
C1 CRQ A 63 0.12 10.88 -8.74
N2 CRQ A 63 1.40 10.30 -8.62
N3 CRQ A 63 0.18 12.28 -9.06
C2 CRQ A 63 1.61 12.60 -9.12
O2 CRQ A 63 2.13 13.64 -9.35
CA2 CRQ A 63 2.37 11.31 -8.83
CA3 CRQ A 63 -0.96 13.14 -9.31
CB2 CRQ A 63 3.68 11.20 -8.81
CG2 CRQ A 63 4.50 9.92 -8.89
CD1 CRQ A 63 3.98 8.65 -8.66
CD2 CRQ A 63 5.85 10.08 -9.16
CE1 CRQ A 63 4.83 7.54 -8.73
CE2 CRQ A 63 6.69 8.99 -9.21
CZ CRQ A 63 6.18 7.72 -9.00
OH CRQ A 63 7.06 6.64 -9.07
OE1 CRQ A 63 -1.96 6.27 -6.90
C3 CRQ A 63 -1.06 14.33 -8.39
O3 CRQ A 63 -1.73 15.30 -8.82
CD3 CRQ A 63 -2.80 7.11 -6.80
NE1 CRQ A 63 -3.93 6.87 -5.94
N ASN A 64 -0.88 14.10 -7.09
CA ASN A 64 -1.10 15.16 -6.11
C ASN A 64 -0.12 15.00 -4.94
N ARG A 65 0.93 15.83 -4.96
CA ARG A 65 1.95 15.76 -3.92
C ARG A 65 1.46 16.29 -2.57
N ALA A 66 0.22 16.76 -2.43
CA ALA A 66 -0.33 16.93 -1.08
C ALA A 66 -0.33 15.61 -0.31
N PHE A 67 -0.48 14.48 -1.01
CA PHE A 67 -0.42 13.16 -0.38
C PHE A 67 1.03 12.69 -0.29
N THR A 68 1.79 13.38 0.57
CA THR A 68 3.18 13.04 0.84
C THR A 68 3.47 13.23 2.31
N LYS A 69 4.10 12.24 2.95
CA LYS A 69 4.50 12.43 4.34
C LYS A 69 5.72 13.33 4.37
N TYR A 70 5.56 14.53 4.91
CA TYR A 70 6.64 15.49 4.98
C TYR A 70 7.18 15.56 6.40
N PRO A 71 8.47 15.31 6.62
CA PRO A 71 9.05 15.56 7.95
C PRO A 71 8.98 17.04 8.30
N GLU A 72 8.92 17.30 9.60
CA GLU A 72 8.63 18.66 10.08
C GLU A 72 9.71 19.66 9.71
N ASP A 73 10.95 19.21 9.48
CA ASP A 73 12.03 20.12 9.14
C ASP A 73 12.18 20.37 7.64
N ILE A 74 11.24 19.92 6.81
CA ILE A 74 11.20 20.28 5.40
C ILE A 74 9.88 21.00 5.14
N PRO A 75 9.90 22.26 4.71
CA PRO A 75 8.65 22.94 4.37
C PRO A 75 7.88 22.15 3.31
N ASP A 76 6.58 22.02 3.54
CA ASP A 76 5.68 21.23 2.70
C ASP A 76 5.02 22.22 1.75
N TYR A 77 5.59 22.34 0.55
CA TYR A 77 5.07 23.30 -0.43
C TYR A 77 3.62 22.98 -0.79
N PHE A 78 3.26 21.70 -0.78
CA PHE A 78 1.98 21.32 -1.35
C PHE A 78 0.83 21.54 -0.38
N LYS A 79 1.00 21.11 0.88
CA LYS A 79 -0.03 21.37 1.89
C LYS A 79 -0.20 22.87 2.14
N GLN A 80 0.91 23.61 2.16
CA GLN A 80 0.84 25.07 2.33
C GLN A 80 0.01 25.74 1.23
N ALA A 81 -0.02 25.15 0.03
CA ALA A 81 -0.72 25.77 -1.11
C ALA A 81 -2.22 25.78 -0.95
N PHE A 82 -2.75 25.14 0.06
CA PHE A 82 -4.20 25.14 0.13
C PHE A 82 -4.68 26.15 1.16
N PRO A 83 -5.94 26.63 1.05
CA PRO A 83 -7.03 26.11 0.21
C PRO A 83 -7.06 26.55 -1.26
N GLU A 84 -6.25 27.54 -1.64
CA GLU A 84 -6.35 28.06 -3.00
C GLU A 84 -5.94 27.02 -4.02
N GLY A 85 -4.94 26.21 -3.71
CA GLY A 85 -4.57 25.10 -4.56
C GLY A 85 -3.33 25.39 -5.39
N TYR A 86 -2.99 24.43 -6.24
CA TYR A 86 -1.80 24.51 -7.05
C TYR A 86 -2.04 23.75 -8.35
N SER A 87 -1.12 23.94 -9.30
CA SER A 87 -1.13 23.22 -10.56
C SER A 87 0.25 22.67 -10.84
N TRP A 88 0.31 21.59 -11.62
CA TRP A 88 1.59 21.09 -12.09
C TRP A 88 1.52 20.73 -13.57
N GLU A 89 2.67 20.77 -14.22
CA GLU A 89 2.80 20.30 -15.59
C GLU A 89 4.03 19.41 -15.66
N ARG A 90 3.99 18.43 -16.56
CA ARG A 90 4.98 17.36 -16.53
C ARG A 90 5.25 16.85 -17.93
N SER A 91 6.53 16.68 -18.25
CA SER A 91 6.94 16.04 -19.49
C SER A 91 7.44 14.64 -19.13
N MET A 92 7.02 13.65 -19.91
CA MET A 92 7.39 12.25 -19.69
C MET A 92 8.02 11.72 -20.99
N THR A 93 9.35 11.61 -21.01
CA THR A 93 10.11 11.25 -22.20
C THR A 93 10.59 9.81 -22.08
N TYR A 94 10.08 8.94 -22.94
CA TYR A 94 10.41 7.52 -22.88
C TYR A 94 11.64 7.21 -23.72
N GLU A 95 12.28 6.07 -23.40
CA GLU A 95 13.53 5.73 -24.06
C GLU A 95 13.37 5.43 -25.54
N ASP A 96 12.17 5.07 -26.02
CA ASP A 96 11.97 4.90 -27.45
C ASP A 96 11.35 6.14 -28.11
N GLN A 97 11.50 7.30 -27.46
CA GLN A 97 11.07 8.62 -27.91
C GLN A 97 9.56 8.82 -27.90
N GLY A 98 8.79 7.91 -27.31
CA GLY A 98 7.45 8.27 -26.89
C GLY A 98 7.49 9.46 -25.94
N ILE A 99 6.48 10.31 -26.02
CA ILE A 99 6.47 11.54 -25.25
C ILE A 99 5.06 11.80 -24.76
N CYS A 100 4.93 12.16 -23.48
CA CYS A 100 3.64 12.58 -22.92
C CYS A 100 3.81 13.88 -22.16
N ILE A 101 2.79 14.75 -22.26
CA ILE A 101 2.74 16.01 -21.54
C ILE A 101 1.41 16.07 -20.82
N ALA A 102 1.44 16.33 -19.52
CA ALA A 102 0.21 16.40 -18.76
C ALA A 102 0.17 17.67 -17.94
N THR A 103 -1.03 18.21 -17.78
CA THR A 103 -1.30 19.37 -16.95
C THR A 103 -2.45 19.06 -16.01
N SER A 104 -2.30 19.42 -14.73
CA SER A 104 -3.35 19.19 -13.75
C SER A 104 -3.55 20.42 -12.87
N ASP A 105 -4.81 20.80 -12.66
CA ASP A 105 -5.18 21.86 -11.73
C ASP A 105 -5.84 21.25 -10.51
N ILE A 106 -5.32 21.55 -9.32
CA ILE A 106 -5.78 20.92 -8.11
C ILE A 106 -6.40 21.97 -7.20
N THR A 107 -7.66 21.77 -6.86
CA THR A 107 -8.38 22.66 -5.97
C THR A 107 -8.97 21.83 -4.82
N MET A 108 -9.64 22.52 -3.90
CA MET A 108 -10.17 21.88 -2.72
C MET A 108 -11.50 22.53 -2.32
N GLU A 109 -12.39 21.69 -1.81
CA GLU A 109 -13.67 22.14 -1.29
C GLU A 109 -14.04 21.20 -0.14
N GLY A 110 -14.14 21.74 1.07
CA GLY A 110 -14.45 20.89 2.21
C GLY A 110 -13.31 19.94 2.49
N ASP A 111 -13.63 18.65 2.60
CA ASP A 111 -12.64 17.61 2.81
C ASP A 111 -12.35 16.83 1.52
N CYS A 112 -12.32 17.50 0.36
CA CYS A 112 -12.19 16.81 -0.93
C CYS A 112 -11.32 17.64 -1.87
N PHE A 113 -10.29 16.99 -2.44
CA PHE A 113 -9.54 17.57 -3.54
C PHE A 113 -10.27 17.35 -4.84
N PHE A 114 -10.10 18.28 -5.79
CA PHE A 114 -10.64 18.18 -7.13
C PHE A 114 -9.52 18.38 -8.13
N TYR A 115 -9.36 17.44 -9.08
CA TYR A 115 -8.34 17.57 -10.12
C TYR A 115 -9.01 17.69 -11.48
N GLU A 116 -8.55 18.63 -12.29
CA GLU A 116 -8.83 18.60 -13.72
C GLU A 116 -7.51 18.36 -14.45
N ILE A 117 -7.43 17.24 -15.17
CA ILE A 117 -6.19 16.74 -15.74
C ILE A 117 -6.35 16.68 -17.25
N ARG A 118 -5.35 17.19 -17.97
CA ARG A 118 -5.25 17.03 -19.42
C ARG A 118 -3.99 16.22 -19.72
N PHE A 119 -4.12 15.20 -20.55
CA PHE A 119 -3.03 14.26 -20.84
C PHE A 119 -2.89 14.10 -22.34
N ASP A 120 -1.72 14.39 -22.89
CA ASP A 120 -1.47 14.19 -24.32
C ASP A 120 -0.17 13.44 -24.53
N GLY A 121 -0.25 12.31 -25.21
CA GLY A 121 0.94 11.55 -25.57
C GLY A 121 0.90 11.17 -27.03
N THR A 122 2.09 11.00 -27.60
CA THR A 122 2.20 10.61 -29.00
C THR A 122 3.62 10.13 -29.25
N ASN A 123 3.89 9.75 -30.52
CA ASN A 123 5.18 9.26 -30.98
C ASN A 123 5.58 7.91 -30.38
N PHE A 124 4.64 7.17 -29.80
CA PHE A 124 4.96 5.82 -29.34
C PHE A 124 5.04 4.87 -30.53
N PRO A 125 6.10 4.07 -30.66
CA PRO A 125 6.15 3.06 -31.73
C PRO A 125 4.98 2.11 -31.64
N PRO A 126 4.30 1.83 -32.76
CA PRO A 126 3.08 1.01 -32.72
C PRO A 126 3.29 -0.38 -32.13
N ASN A 127 4.50 -0.92 -32.24
CA ASN A 127 4.81 -2.25 -31.74
C ASN A 127 5.54 -2.21 -30.41
N GLY A 128 5.74 -1.03 -29.83
CA GLY A 128 6.44 -0.91 -28.57
C GLY A 128 5.60 -1.35 -27.40
N PRO A 129 6.20 -1.39 -26.20
CA PRO A 129 5.48 -1.93 -25.04
C PRO A 129 4.29 -1.09 -24.60
N VAL A 130 4.25 0.20 -24.91
CA VAL A 130 3.10 0.99 -24.50
C VAL A 130 1.88 0.64 -25.36
N MET A 131 2.03 0.72 -26.68
CA MET A 131 0.89 0.45 -27.55
C MET A 131 0.53 -1.04 -27.58
N GLN A 132 1.46 -1.93 -27.23
CA GLN A 132 1.18 -3.38 -27.18
C GLN A 132 0.82 -3.86 -25.78
N LYS A 133 0.72 -2.96 -24.81
CA LYS A 133 0.29 -3.31 -23.44
C LYS A 133 1.16 -4.41 -22.84
N LYS A 134 2.47 -4.21 -22.91
CA LYS A 134 3.43 -5.14 -22.34
C LYS A 134 4.02 -4.67 -21.00
N THR A 135 3.47 -3.62 -20.38
CA THR A 135 4.03 -3.15 -19.12
C THR A 135 3.40 -3.89 -17.95
N LEU A 136 4.18 -4.08 -16.88
CA LEU A 136 3.69 -4.72 -15.66
C LEU A 136 3.46 -3.74 -14.51
N LYS A 137 4.36 -2.79 -14.30
CA LYS A 137 4.24 -1.86 -13.18
C LYS A 137 5.36 -0.85 -13.29
N TRP A 138 5.20 0.29 -12.59
CA TRP A 138 6.31 1.18 -12.35
C TRP A 138 7.15 0.64 -11.20
N GLU A 139 8.47 0.78 -11.31
CA GLU A 139 9.32 0.50 -10.17
C GLU A 139 9.21 1.66 -9.18
N PRO A 140 9.39 1.39 -7.88
CA PRO A 140 9.49 2.49 -6.92
C PRO A 140 10.62 3.42 -7.32
N SER A 141 10.45 4.71 -7.03
CA SER A 141 11.32 5.73 -7.57
C SER A 141 11.65 6.77 -6.50
N THR A 142 12.58 7.66 -6.84
CA THR A 142 13.00 8.76 -5.97
C THR A 142 13.04 10.04 -6.80
N GLU A 143 12.10 10.95 -6.56
CA GLU A 143 12.02 12.21 -7.28
C GLU A 143 12.88 13.26 -6.58
N LYS A 144 13.76 13.93 -7.34
CA LYS A 144 14.59 15.00 -6.77
C LYS A 144 13.87 16.33 -6.91
N MET A 145 13.54 16.94 -5.77
CA MET A 145 12.86 18.22 -5.70
C MET A 145 13.87 19.33 -5.52
N TYR A 146 13.71 20.41 -6.27
CA TYR A 146 14.58 21.58 -6.19
C TYR A 146 13.78 22.81 -6.57
N VAL A 147 14.30 23.97 -6.17
CA VAL A 147 13.67 25.26 -6.46
C VAL A 147 14.49 25.92 -7.56
N GLU A 148 13.77 26.55 -8.49
CA GLU A 148 14.37 27.23 -9.63
C GLU A 148 13.33 28.20 -10.14
N ASP A 149 13.77 29.41 -10.52
CA ASP A 149 12.87 30.49 -10.93
C ASP A 149 11.81 30.77 -9.86
N GLY A 150 12.13 30.50 -8.60
CA GLY A 150 11.17 30.72 -7.54
C GLY A 150 10.00 29.76 -7.51
N VAL A 151 10.07 28.64 -8.24
CA VAL A 151 9.03 27.61 -8.14
C VAL A 151 9.70 26.26 -7.89
N LEU A 152 8.86 25.30 -7.49
CA LEU A 152 9.31 23.98 -7.11
C LEU A 152 9.29 23.06 -8.33
N LYS A 153 10.39 22.37 -8.57
CA LYS A 153 10.52 21.46 -9.70
C LYS A 153 10.95 20.09 -9.21
N GLY A 154 10.64 19.08 -10.01
CA GLY A 154 11.05 17.73 -9.65
C GLY A 154 11.48 16.91 -10.85
N ASP A 155 12.60 16.20 -10.71
CA ASP A 155 13.09 15.25 -11.70
C ASP A 155 13.07 13.85 -11.11
N VAL A 156 12.63 12.88 -11.90
CA VAL A 156 12.69 11.49 -11.46
C VAL A 156 12.92 10.61 -12.68
N GLU A 157 13.90 9.71 -12.57
CA GLU A 157 14.08 8.66 -13.56
C GLU A 157 13.12 7.53 -13.21
N MET A 158 12.24 7.18 -14.14
CA MET A 158 11.23 6.16 -13.92
C MET A 158 11.53 4.93 -14.76
N ALA A 159 11.00 3.79 -14.33
CA ALA A 159 11.22 2.55 -15.07
C ALA A 159 9.99 1.68 -14.97
N LEU A 160 9.48 1.27 -16.13
CA LEU A 160 8.42 0.27 -16.21
C LEU A 160 9.01 -1.13 -16.35
N LEU A 161 8.62 -2.04 -15.45
CA LEU A 161 8.93 -3.45 -15.61
C LEU A 161 8.12 -4.03 -16.77
N LEU A 162 8.78 -4.71 -17.71
CA LEU A 162 8.11 -5.31 -18.85
C LEU A 162 7.86 -6.80 -18.63
N GLU A 163 6.80 -7.30 -19.27
CA GLU A 163 6.67 -8.73 -19.51
C GLU A 163 7.98 -9.31 -20.02
N GLY A 164 8.45 -10.36 -19.37
CA GLY A 164 9.73 -10.93 -19.74
C GLY A 164 10.91 -10.41 -18.95
N GLY A 165 10.70 -9.43 -18.07
CA GLY A 165 11.72 -9.01 -17.14
C GLY A 165 12.53 -7.79 -17.54
N GLY A 166 12.31 -7.24 -18.74
CA GLY A 166 13.03 -6.04 -19.12
C GLY A 166 12.52 -4.81 -18.39
N HIS A 167 13.23 -3.70 -18.57
CA HIS A 167 12.78 -2.40 -18.08
C HIS A 167 12.74 -1.40 -19.23
N TYR A 168 11.71 -0.56 -19.20
CA TYR A 168 11.44 0.47 -20.21
C TYR A 168 11.44 1.81 -19.49
N ARG A 169 12.37 2.69 -19.84
CA ARG A 169 12.71 3.83 -19.00
C ARG A 169 12.01 5.10 -19.45
N CYS A 170 11.86 6.03 -18.51
CA CYS A 170 11.21 7.32 -18.75
C CYS A 170 11.81 8.37 -17.81
N ASP A 171 11.99 9.59 -18.33
CA ASP A 171 12.45 10.72 -17.55
C ASP A 171 11.29 11.68 -17.31
N PHE A 172 10.99 11.96 -16.05
CA PHE A 172 9.94 12.90 -15.69
C PHE A 172 10.57 14.24 -15.32
N LYS A 173 10.00 15.32 -15.86
CA LYS A 173 10.30 16.69 -15.43
C LYS A 173 8.97 17.33 -15.08
N THR A 174 8.84 17.84 -13.85
CA THR A 174 7.59 18.41 -13.37
C THR A 174 7.85 19.80 -12.83
N THR A 175 6.95 20.74 -13.13
CA THR A 175 6.93 22.03 -12.48
C THR A 175 5.66 22.14 -11.65
N TYR A 176 5.82 22.49 -10.37
CA TYR A 176 4.71 22.66 -9.43
C TYR A 176 4.64 24.14 -9.05
N LYS A 177 3.45 24.75 -9.15
CA LYS A 177 3.26 26.16 -8.85
CA LYS A 177 3.27 26.16 -8.83
C LYS A 177 2.02 26.36 -8.00
N ALA A 178 2.20 26.85 -6.77
CA ALA A 178 1.07 27.25 -5.93
C ALA A 178 0.43 28.53 -6.46
N LYS A 179 -0.85 28.69 -6.16
CA LYS A 179 -1.55 29.91 -6.57
C LYS A 179 -1.10 31.12 -5.76
N LYS A 180 -0.65 30.90 -4.52
CA LYS A 180 -0.15 31.94 -3.64
C LYS A 180 1.33 31.70 -3.34
N ASP A 181 1.97 32.71 -2.75
CA ASP A 181 3.35 32.54 -2.28
C ASP A 181 3.36 31.74 -0.99
N VAL A 182 4.27 30.75 -0.92
CA VAL A 182 4.38 29.89 0.24
CA VAL A 182 4.39 29.82 0.19
C VAL A 182 5.87 29.70 0.54
N ARG A 183 6.15 29.22 1.75
CA ARG A 183 7.54 28.94 2.14
C ARG A 183 8.12 27.84 1.26
N LEU A 184 9.18 28.17 0.50
CA LEU A 184 9.80 27.19 -0.38
C LEU A 184 10.78 26.32 0.38
N PRO A 185 10.82 25.02 0.09
CA PRO A 185 11.78 24.15 0.78
C PRO A 185 13.13 24.17 0.09
N ASP A 186 14.13 23.65 0.80
CA ASP A 186 15.41 23.32 0.20
C ASP A 186 15.29 22.05 -0.61
N ALA A 187 16.33 21.78 -1.41
CA ALA A 187 16.39 20.55 -2.18
C ALA A 187 16.20 19.33 -1.30
N HIS A 188 15.26 18.46 -1.70
CA HIS A 188 14.99 17.22 -0.97
C HIS A 188 14.54 16.18 -1.98
N GLU A 189 14.16 15.01 -1.47
CA GLU A 189 13.73 13.91 -2.32
C GLU A 189 12.37 13.40 -1.85
N VAL A 190 11.68 12.74 -2.77
CA VAL A 190 10.41 12.09 -2.47
C VAL A 190 10.50 10.66 -2.98
N ASP A 191 10.38 9.69 -2.09
CA ASP A 191 10.31 8.29 -2.49
C ASP A 191 8.86 7.93 -2.78
N HIS A 192 8.63 7.27 -3.91
CA HIS A 192 7.30 6.92 -4.38
C HIS A 192 7.18 5.42 -4.58
N ARG A 193 5.97 4.92 -4.35
CA ARG A 193 5.58 3.57 -4.75
CA ARG A 193 5.58 3.57 -4.75
C ARG A 193 4.15 3.65 -5.24
N ILE A 194 3.93 3.36 -6.54
CA ILE A 194 2.59 3.41 -7.11
C ILE A 194 2.23 2.04 -7.67
N GLU A 195 0.98 1.62 -7.44
CA GLU A 195 0.55 0.26 -7.71
C GLU A 195 -0.92 0.23 -8.12
N ILE A 196 -1.19 -0.47 -9.22
CA ILE A 196 -2.55 -0.84 -9.56
C ILE A 196 -2.91 -2.05 -8.68
N LEU A 197 -3.80 -1.84 -7.70
CA LEU A 197 -4.16 -2.92 -6.76
C LEU A 197 -5.03 -3.99 -7.41
N SER A 198 -5.89 -3.59 -8.34
CA SER A 198 -6.81 -4.49 -9.03
C SER A 198 -7.36 -3.74 -10.23
N HIS A 199 -7.87 -4.50 -11.19
CA HIS A 199 -8.43 -3.92 -12.41
C HIS A 199 -9.30 -4.97 -13.08
N ASP A 200 -10.27 -4.52 -13.88
CA ASP A 200 -11.02 -5.46 -14.70
C ASP A 200 -10.25 -5.73 -16.00
N LYS A 201 -10.84 -6.58 -16.86
CA LYS A 201 -10.09 -7.16 -17.98
C LYS A 201 -9.43 -6.09 -18.86
N ASP A 202 -10.18 -5.04 -19.22
CA ASP A 202 -9.69 -4.04 -20.16
C ASP A 202 -9.20 -2.77 -19.48
N TYR A 203 -9.09 -2.78 -18.16
CA TYR A 203 -8.72 -1.61 -17.37
C TYR A 203 -9.76 -0.50 -17.42
N ASN A 204 -11.02 -0.84 -17.72
CA ASN A 204 -12.08 0.15 -17.61
C ASN A 204 -12.32 0.53 -16.15
N LYS A 205 -12.02 -0.37 -15.23
CA LYS A 205 -12.10 -0.11 -13.79
C LYS A 205 -10.76 -0.43 -13.19
N VAL A 206 -10.18 0.54 -12.49
CA VAL A 206 -8.83 0.40 -11.94
C VAL A 206 -8.85 0.98 -10.54
N ARG A 207 -8.24 0.26 -9.59
CA ARG A 207 -8.01 0.76 -8.24
C ARG A 207 -6.51 1.01 -8.10
N LEU A 208 -6.14 2.23 -7.73
CA LEU A 208 -4.77 2.71 -7.84
C LEU A 208 -4.30 3.24 -6.49
N TYR A 209 -3.10 2.84 -6.10
CA TYR A 209 -2.54 3.18 -4.79
C TYR A 209 -1.17 3.84 -4.97
N GLU A 210 -0.90 4.89 -4.17
CA GLU A 210 0.44 5.45 -4.08
C GLU A 210 0.84 5.59 -2.62
N HIS A 211 2.11 5.36 -2.33
CA HIS A 211 2.72 5.77 -1.07
C HIS A 211 3.94 6.63 -1.36
N ALA A 212 4.05 7.77 -0.66
CA ALA A 212 5.10 8.75 -0.94
C ALA A 212 5.53 9.45 0.35
N GLU A 213 6.84 9.65 0.51
CA GLU A 213 7.43 10.24 1.70
C GLU A 213 8.63 11.09 1.32
N ALA A 214 8.72 12.28 1.92
CA ALA A 214 9.81 13.21 1.65
C ALA A 214 10.95 13.01 2.66
N ARG A 215 12.18 13.27 2.21
CA ARG A 215 13.36 13.16 3.08
C ARG A 215 14.49 13.93 2.43
N TYR A 216 15.59 14.09 3.18
CA TYR A 216 16.64 15.01 2.73
C TYR A 216 17.71 14.38 1.83
N SER A 217 18.17 13.17 2.13
CA SER A 217 19.34 12.65 1.42
C SER A 217 19.45 11.14 1.49
N SER B 4 -15.55 26.01 -36.22
CA SER B 4 -14.65 26.30 -37.33
C SER B 4 -14.20 27.76 -37.33
N GLN B 5 -14.41 28.45 -36.21
CA GLN B 5 -13.53 29.57 -35.89
C GLN B 5 -12.13 29.08 -35.52
N VAL B 6 -11.97 27.77 -35.36
CA VAL B 6 -10.67 27.15 -35.09
C VAL B 6 -9.82 27.21 -36.36
N GLN B 7 -8.66 27.85 -36.24
CA GLN B 7 -7.73 27.91 -37.36
C GLN B 7 -6.31 27.91 -36.83
N LEU B 8 -5.42 27.35 -37.63
CA LEU B 8 -4.00 27.21 -37.30
C LEU B 8 -3.19 27.72 -38.49
N VAL B 9 -2.28 28.67 -38.23
CA VAL B 9 -1.47 29.26 -39.30
C VAL B 9 -0.02 29.29 -38.85
N GLU B 10 0.84 28.57 -39.58
CA GLU B 10 2.28 28.58 -39.35
C GLU B 10 2.94 29.62 -40.25
N SER B 11 3.94 30.31 -39.70
CA SER B 11 4.66 31.34 -40.44
CA SER B 11 4.66 31.34 -40.43
C SER B 11 6.14 31.23 -40.13
N GLY B 12 6.96 31.80 -41.02
CA GLY B 12 8.39 31.94 -40.78
C GLY B 12 9.28 31.01 -41.59
N GLY B 13 8.71 30.11 -42.39
CA GLY B 13 9.54 29.22 -43.20
C GLY B 13 10.33 30.00 -44.24
N GLY B 14 11.22 29.30 -44.93
CA GLY B 14 11.98 29.96 -45.97
C GLY B 14 13.21 29.18 -46.36
N LEU B 15 13.98 29.82 -47.24
CA LEU B 15 15.22 29.28 -47.78
C LEU B 15 16.38 29.81 -46.96
N VAL B 16 17.13 28.91 -46.33
CA VAL B 16 18.32 29.28 -45.59
C VAL B 16 19.39 28.24 -45.90
N GLN B 17 20.64 28.60 -45.66
CA GLN B 17 21.77 27.72 -45.92
CA GLN B 17 21.75 27.70 -45.92
C GLN B 17 22.16 26.96 -44.65
N ALA B 18 22.86 25.86 -44.84
CA ALA B 18 23.26 25.00 -43.72
C ALA B 18 24.05 25.79 -42.68
N GLY B 19 23.71 25.57 -41.42
CA GLY B 19 24.24 26.36 -40.34
C GLY B 19 23.44 27.61 -40.02
N GLY B 20 22.39 27.90 -40.80
CA GLY B 20 21.59 29.07 -40.57
C GLY B 20 20.50 28.89 -39.52
N SER B 21 19.69 29.95 -39.37
CA SER B 21 18.65 30.10 -38.37
C SER B 21 17.32 30.43 -39.04
N LEU B 22 16.24 30.08 -38.36
CA LEU B 22 14.89 30.48 -38.71
C LEU B 22 14.08 30.48 -37.43
N ARG B 23 13.09 31.35 -37.34
CA ARG B 23 12.19 31.38 -36.19
CA ARG B 23 12.19 31.38 -36.19
C ARG B 23 10.78 31.14 -36.71
N LEU B 24 10.29 29.92 -36.53
CA LEU B 24 8.92 29.63 -36.93
C LEU B 24 7.96 30.06 -35.84
N SER B 25 6.72 30.30 -36.22
CA SER B 25 5.69 30.53 -35.22
C SER B 25 4.40 29.89 -35.72
N CYS B 26 3.52 29.59 -34.78
CA CYS B 26 2.24 28.96 -35.06
C CYS B 26 1.16 29.63 -34.22
N ALA B 27 0.17 30.23 -34.89
CA ALA B 27 -0.87 31.00 -34.24
C ALA B 27 -2.21 30.27 -34.39
N ALA B 28 -2.87 30.01 -33.27
CA ALA B 28 -4.17 29.35 -33.25
C ALA B 28 -5.24 30.31 -32.77
N SER B 29 -6.40 30.26 -33.42
CA SER B 29 -7.58 30.98 -32.96
C SER B 29 -8.70 29.98 -32.67
N GLY B 30 -9.62 30.37 -31.80
CA GLY B 30 -10.78 29.56 -31.52
C GLY B 30 -10.72 28.74 -30.25
N PHE B 31 -9.63 28.78 -29.50
CA PHE B 31 -9.47 28.04 -28.26
C PHE B 31 -9.29 28.97 -27.08
N PRO B 32 -9.61 28.52 -25.86
CA PRO B 32 -9.19 29.27 -24.67
C PRO B 32 -7.68 29.33 -24.59
N VAL B 33 -7.16 30.44 -24.06
CA VAL B 33 -5.72 30.68 -24.08
C VAL B 33 -5.03 29.74 -23.10
N GLY B 34 -4.01 29.05 -23.58
CA GLY B 34 -3.17 28.23 -22.71
C GLY B 34 -3.87 27.10 -21.98
N ARG B 35 -4.82 26.43 -22.62
CA ARG B 35 -5.45 25.28 -22.00
C ARG B 35 -5.26 24.01 -22.82
N ALA B 36 -4.39 24.03 -23.82
CA ALA B 36 -4.02 22.82 -24.55
C ALA B 36 -2.53 22.86 -24.85
N SER B 37 -1.93 21.67 -24.92
CA SER B 37 -0.54 21.57 -25.34
C SER B 37 -0.45 21.81 -26.84
N MET B 38 0.71 22.26 -27.30
CA MET B 38 0.90 22.51 -28.73
C MET B 38 2.13 21.78 -29.22
N TRP B 39 2.03 21.24 -30.44
CA TRP B 39 2.94 20.22 -30.95
C TRP B 39 3.42 20.63 -32.33
N TRP B 40 4.73 20.53 -32.57
CA TRP B 40 5.30 20.74 -33.89
C TRP B 40 5.61 19.41 -34.55
N TYR B 41 5.29 19.31 -35.84
CA TYR B 41 5.66 18.19 -36.70
C TYR B 41 6.31 18.75 -37.95
N ARG B 42 6.88 17.87 -38.75
CA ARG B 42 7.43 18.23 -40.05
C ARG B 42 7.31 17.03 -40.96
N GLN B 43 7.20 17.30 -42.26
CA GLN B 43 7.11 16.23 -43.25
C GLN B 43 7.87 16.63 -44.50
N ALA B 44 8.83 15.80 -44.89
CA ALA B 44 9.71 15.99 -46.03
C ALA B 44 9.21 15.17 -47.21
N PRO B 45 9.75 15.41 -48.42
N PRO B 45 9.78 15.32 -48.45
CA PRO B 45 9.49 14.56 -49.57
CA PRO B 45 9.22 14.65 -49.65
C PRO B 45 9.89 13.12 -49.30
C PRO B 45 8.51 13.29 -49.50
N GLY B 46 9.18 12.23 -49.95
CA GLY B 46 8.92 10.85 -49.58
C GLY B 46 9.43 10.35 -48.25
N LYS B 47 9.21 11.11 -47.18
CA LYS B 47 9.44 10.65 -45.83
C LYS B 47 8.12 10.71 -45.06
N GLU B 48 8.04 9.98 -43.97
CA GLU B 48 6.85 10.04 -43.16
C GLU B 48 6.97 11.18 -42.15
N ARG B 49 5.82 11.57 -41.60
CA ARG B 49 5.80 12.69 -40.68
C ARG B 49 6.64 12.41 -39.44
N GLU B 50 7.41 13.40 -39.02
CA GLU B 50 8.26 13.35 -37.84
C GLU B 50 7.73 14.30 -36.77
N TRP B 51 7.65 13.82 -35.53
CA TRP B 51 7.43 14.73 -34.41
C TRP B 51 8.71 15.52 -34.14
N VAL B 52 8.56 16.81 -33.84
CA VAL B 52 9.69 17.73 -33.67
C VAL B 52 9.81 18.24 -32.24
N ALA B 53 8.75 18.87 -31.72
CA ALA B 53 8.81 19.50 -30.40
C ALA B 53 7.41 19.63 -29.84
N ALA B 54 7.31 19.82 -28.52
CA ALA B 54 6.04 20.08 -27.86
C ALA B 54 6.22 21.04 -26.70
N ILE B 55 5.12 21.70 -26.31
CA ILE B 55 5.11 22.59 -25.16
C ILE B 55 3.77 22.45 -24.44
N SER B 56 3.82 22.44 -23.11
CA SER B 56 2.63 22.27 -22.30
C SER B 56 1.67 23.46 -22.42
N SER B 57 0.44 23.24 -21.95
CA SER B 57 -0.59 24.26 -21.86
C SER B 57 -0.08 25.59 -21.35
N TYR B 58 0.56 25.59 -20.19
CA TYR B 58 1.02 26.82 -19.56
C TYR B 58 2.44 27.20 -19.95
N GLY B 59 3.10 26.38 -20.76
CA GLY B 59 4.46 26.65 -21.17
C GLY B 59 5.54 26.22 -20.19
N TRP B 60 5.18 25.57 -19.07
CA TRP B 60 6.18 25.25 -18.04
C TRP B 60 7.12 24.12 -18.46
N VAL B 61 6.69 23.23 -19.35
CA VAL B 61 7.51 22.09 -19.74
C VAL B 61 7.50 21.95 -21.25
N THR B 62 8.61 21.45 -21.77
CA THR B 62 8.85 21.33 -23.21
C THR B 62 9.49 19.98 -23.47
N ALA B 63 9.51 19.59 -24.74
CA ALA B 63 10.13 18.34 -25.15
C ALA B 63 10.55 18.43 -26.61
N TYR B 64 11.60 17.71 -26.97
CA TYR B 64 12.17 17.77 -28.31
C TYR B 64 12.53 16.38 -28.80
N ALA B 65 12.37 16.16 -30.11
CA ALA B 65 12.96 14.96 -30.72
C ALA B 65 14.48 14.97 -30.56
N ASP B 66 15.06 13.78 -30.44
CA ASP B 66 16.51 13.67 -30.28
C ASP B 66 17.26 14.40 -31.40
N SER B 67 16.75 14.32 -32.63
CA SER B 67 17.45 14.91 -33.77
C SER B 67 17.49 16.43 -33.74
N VAL B 68 16.67 17.09 -32.92
CA VAL B 68 16.68 18.55 -32.86
C VAL B 68 17.08 19.09 -31.50
N LYS B 69 17.14 18.25 -30.46
CA LYS B 69 17.52 18.72 -29.13
C LYS B 69 18.83 19.47 -29.17
N GLY B 70 18.89 20.58 -28.41
CA GLY B 70 20.05 21.45 -28.43
C GLY B 70 20.15 22.39 -29.61
N ARG B 71 19.39 22.15 -30.69
CA ARG B 71 19.38 23.09 -31.81
C ARG B 71 18.08 23.91 -31.91
N PHE B 72 16.93 23.34 -31.53
CA PHE B 72 15.65 24.03 -31.58
C PHE B 72 15.19 24.39 -30.16
N THR B 73 14.48 25.50 -30.04
CA THR B 73 13.87 25.89 -28.77
C THR B 73 12.42 26.27 -28.99
N ILE B 74 11.53 25.70 -28.20
CA ILE B 74 10.11 26.02 -28.31
C ILE B 74 9.71 26.93 -27.15
N SER B 75 8.84 27.89 -27.44
CA SER B 75 8.35 28.82 -26.42
C SER B 75 6.91 29.18 -26.76
N ARG B 76 6.23 29.82 -25.82
CA ARG B 76 4.82 30.08 -25.99
C ARG B 76 4.44 31.39 -25.30
N ASP B 77 3.60 32.17 -25.98
CA ASP B 77 3.01 33.37 -25.39
C ASP B 77 2.13 33.01 -24.21
N ASN B 78 2.30 33.72 -23.09
CA ASN B 78 1.47 33.44 -21.93
C ASN B 78 0.04 33.94 -22.10
N ALA B 79 -0.22 34.80 -23.09
CA ALA B 79 -1.52 35.42 -23.24
C ALA B 79 -2.17 35.12 -24.57
N LYS B 80 -1.53 34.33 -25.43
CA LYS B 80 -2.11 33.94 -26.70
C LYS B 80 -1.71 32.51 -27.01
N ASN B 81 -2.56 31.79 -27.74
CA ASN B 81 -2.18 30.48 -28.26
C ASN B 81 -1.30 30.68 -29.49
N THR B 82 -0.09 31.17 -29.21
CA THR B 82 0.93 31.39 -30.22
C THR B 82 2.24 30.79 -29.71
N VAL B 83 2.84 29.92 -30.53
CA VAL B 83 4.02 29.18 -30.14
C VAL B 83 5.10 29.49 -31.15
N TYR B 84 6.34 29.53 -30.67
CA TYR B 84 7.51 29.86 -31.46
C TYR B 84 8.51 28.71 -31.40
N LEU B 85 9.10 28.40 -32.55
CA LEU B 85 10.15 27.38 -32.67
C LEU B 85 11.39 28.06 -33.24
N GLN B 86 12.33 28.40 -32.38
CA GLN B 86 13.63 28.92 -32.79
C GLN B 86 14.49 27.77 -33.30
N MET B 87 14.83 27.79 -34.58
CA MET B 87 15.58 26.73 -35.24
C MET B 87 16.99 27.22 -35.56
N ASN B 88 17.99 26.78 -34.80
CA ASN B 88 19.39 27.13 -34.99
C ASN B 88 20.17 25.95 -35.53
N SER B 89 21.36 26.24 -36.07
CA SER B 89 22.28 25.21 -36.58
C SER B 89 21.58 24.25 -37.54
N LEU B 90 20.90 24.83 -38.53
CA LEU B 90 20.05 24.02 -39.40
C LEU B 90 20.87 23.10 -40.30
N LYS B 91 20.29 21.95 -40.61
CA LYS B 91 20.91 20.91 -41.43
C LYS B 91 20.03 20.64 -42.63
N PRO B 92 20.60 20.08 -43.70
CA PRO B 92 19.77 19.68 -44.85
C PRO B 92 18.63 18.74 -44.50
N GLU B 93 18.85 17.83 -43.55
CA GLU B 93 17.79 16.90 -43.13
C GLU B 93 16.60 17.62 -42.51
N ASP B 94 16.78 18.88 -42.06
CA ASP B 94 15.69 19.68 -41.51
C ASP B 94 14.73 20.22 -42.58
N THR B 95 15.05 20.05 -43.86
CA THR B 95 14.18 20.52 -44.93
C THR B 95 12.86 19.77 -44.91
N ALA B 96 11.75 20.51 -44.81
CA ALA B 96 10.43 19.91 -44.75
C ALA B 96 9.40 21.01 -44.58
N VAL B 97 8.14 20.63 -44.72
CA VAL B 97 7.03 21.47 -44.27
C VAL B 97 6.81 21.24 -42.78
N TYR B 98 6.82 22.31 -42.00
CA TYR B 98 6.62 22.26 -40.57
C TYR B 98 5.19 22.68 -40.24
N TYR B 99 4.53 21.90 -39.38
CA TYR B 99 3.13 22.09 -38.99
CA TYR B 99 3.22 22.34 -38.94
C TYR B 99 3.02 22.05 -37.47
N CYS B 100 2.00 22.71 -36.93
CA CYS B 100 1.65 22.61 -35.54
C CYS B 100 0.26 22.02 -35.38
N GLU B 101 0.01 21.44 -34.22
CA GLU B 101 -1.31 20.96 -33.86
C GLU B 101 -1.60 21.38 -32.43
N VAL B 102 -2.86 21.70 -32.17
CA VAL B 102 -3.33 21.91 -30.81
C VAL B 102 -3.70 20.55 -30.23
N SER B 103 -3.17 20.24 -29.04
CA SER B 103 -3.39 18.96 -28.39
CA SER B 103 -3.39 18.95 -28.38
C SER B 103 -2.95 17.79 -29.28
N VAL B 104 -3.42 16.59 -28.97
CA VAL B 104 -3.12 15.38 -29.73
C VAL B 104 -4.44 14.76 -30.15
N GLY B 105 -4.52 14.34 -31.41
CA GLY B 105 -5.70 13.66 -31.93
C GLY B 105 -6.95 14.51 -32.08
N THR B 106 -6.81 15.81 -32.39
CA THR B 106 -7.96 16.69 -32.57
C THR B 106 -8.44 16.78 -34.01
N GLY B 107 -7.59 16.44 -34.98
CA GLY B 107 -7.88 16.71 -36.38
C GLY B 107 -7.62 18.13 -36.83
N TYR B 108 -7.44 19.07 -35.90
CA TYR B 108 -7.14 20.45 -36.25
C TYR B 108 -5.67 20.60 -36.62
N ARG B 109 -5.41 20.97 -37.86
CA ARG B 109 -4.04 21.11 -38.35
C ARG B 109 -3.93 22.34 -39.25
N GLY B 110 -2.74 22.99 -39.22
CA GLY B 110 -2.45 24.09 -40.11
C GLY B 110 -1.91 23.63 -41.46
N GLN B 111 -1.86 24.57 -42.41
CA GLN B 111 -1.32 24.27 -43.74
C GLN B 111 0.17 23.97 -43.69
N GLY B 112 0.88 24.52 -42.74
CA GLY B 112 2.32 24.31 -42.64
C GLY B 112 3.11 25.46 -43.23
N THR B 113 4.42 25.38 -43.04
CA THR B 113 5.33 26.38 -43.56
C THR B 113 6.59 25.66 -44.02
N GLN B 114 7.07 26.02 -45.21
CA GLN B 114 8.15 25.29 -45.87
C GLN B 114 9.50 25.79 -45.38
N VAL B 115 10.35 24.87 -44.92
CA VAL B 115 11.73 25.15 -44.56
C VAL B 115 12.61 24.35 -45.50
N THR B 116 13.51 25.04 -46.20
CA THR B 116 14.46 24.41 -47.10
CA THR B 116 14.46 24.41 -47.10
C THR B 116 15.86 24.83 -46.68
N VAL B 117 16.70 23.85 -46.38
CA VAL B 117 18.06 24.11 -45.92
C VAL B 117 18.99 23.64 -47.03
N SER B 118 19.68 24.60 -47.64
CA SER B 118 20.61 24.33 -48.72
C SER B 118 21.97 23.96 -48.16
N ALA B 119 22.47 22.79 -48.57
CA ALA B 119 23.82 22.39 -48.21
C ALA B 119 24.84 23.41 -48.73
N GLY B 120 25.83 23.71 -47.90
CA GLY B 120 26.82 24.74 -48.23
C GLY B 120 26.34 26.15 -47.94
N ALA C 2 7.12 -20.55 -6.02
CA ALA C 2 6.51 -21.82 -6.47
C ALA C 2 5.59 -21.56 -7.66
N SER C 3 5.59 -22.47 -8.64
CA SER C 3 4.80 -22.24 -9.85
C SER C 3 3.32 -22.58 -9.67
N VAL C 4 2.93 -23.24 -8.58
CA VAL C 4 1.50 -23.23 -8.25
C VAL C 4 1.11 -21.84 -7.72
N ILE C 5 2.07 -21.07 -7.21
CA ILE C 5 1.83 -19.69 -6.82
C ILE C 5 1.92 -18.82 -8.08
N LYS C 6 0.79 -18.26 -8.50
CA LYS C 6 0.70 -17.43 -9.69
C LYS C 6 1.11 -15.99 -9.37
N PRO C 7 1.56 -15.24 -10.38
CA PRO C 7 1.89 -13.82 -10.14
C PRO C 7 0.75 -13.03 -9.53
N GLU C 8 -0.50 -13.42 -9.80
CA GLU C 8 -1.67 -12.89 -9.13
C GLU C 8 -2.41 -14.04 -8.45
N MET C 9 -2.81 -13.86 -7.19
CA MET C 9 -3.57 -14.86 -6.46
C MET C 9 -4.74 -14.21 -5.76
N LYS C 10 -5.92 -14.82 -5.88
CA LYS C 10 -7.09 -14.38 -5.15
C LYS C 10 -7.03 -14.85 -3.69
N ILE C 11 -7.86 -14.25 -2.85
CA ILE C 11 -7.94 -14.58 -1.42
C ILE C 11 -9.40 -14.70 -1.03
N LYS C 12 -9.74 -15.77 -0.30
CA LYS C 12 -11.02 -15.84 0.41
C LYS C 12 -10.77 -16.29 1.86
N LEU C 13 -11.49 -15.69 2.81
CA LEU C 13 -11.21 -16.00 4.21
C LEU C 13 -12.48 -15.84 5.04
N ARG C 14 -12.46 -16.51 6.19
CA ARG C 14 -13.50 -16.36 7.19
C ARG C 14 -12.82 -16.37 8.55
N MET C 15 -13.10 -15.35 9.36
CA MET C 15 -12.62 -15.27 10.73
CA MET C 15 -12.61 -15.27 10.72
C MET C 15 -13.80 -15.32 11.67
N GLU C 16 -13.75 -16.24 12.65
CA GLU C 16 -14.67 -16.27 13.75
C GLU C 16 -13.91 -15.90 15.00
N GLY C 17 -14.51 -15.11 15.88
CA GLY C 17 -13.72 -14.70 17.02
C GLY C 17 -14.55 -14.01 18.08
N ALA C 18 -13.85 -13.61 19.14
CA ALA C 18 -14.46 -12.86 20.22
C ALA C 18 -13.38 -12.01 20.86
N VAL C 19 -13.76 -10.80 21.24
CA VAL C 19 -12.84 -9.87 21.90
C VAL C 19 -13.56 -9.32 23.12
N ASN C 20 -12.94 -9.46 24.29
CA ASN C 20 -13.57 -9.08 25.57
C ASN C 20 -14.98 -9.61 25.64
N GLY C 21 -15.18 -10.83 25.13
CA GLY C 21 -16.46 -11.48 25.17
C GLY C 21 -17.40 -11.16 24.02
N HIS C 22 -17.08 -10.18 23.17
CA HIS C 22 -17.97 -9.82 22.08
C HIS C 22 -17.66 -10.66 20.85
N LYS C 23 -18.61 -11.48 20.43
CA LYS C 23 -18.44 -12.45 19.36
C LYS C 23 -18.69 -11.79 18.00
N PHE C 24 -17.93 -12.23 16.99
CA PHE C 24 -18.09 -11.67 15.65
C PHE C 24 -17.68 -12.69 14.60
N VAL C 25 -18.15 -12.48 13.37
CA VAL C 25 -17.71 -13.23 12.20
C VAL C 25 -17.41 -12.22 11.09
N ILE C 26 -16.22 -12.30 10.50
CA ILE C 26 -15.82 -11.45 9.38
C ILE C 26 -15.45 -12.32 8.19
N GLU C 27 -15.96 -11.97 7.02
CA GLU C 27 -15.57 -12.65 5.80
C GLU C 27 -14.81 -11.68 4.89
N GLY C 28 -13.99 -12.23 4.01
CA GLY C 28 -13.13 -11.39 3.20
C GLY C 28 -12.86 -11.99 1.84
N GLU C 29 -12.61 -11.12 0.86
CA GLU C 29 -12.15 -11.56 -0.45
C GLU C 29 -11.22 -10.50 -1.02
N GLY C 30 -10.23 -10.92 -1.77
CA GLY C 30 -9.30 -9.96 -2.31
C GLY C 30 -8.33 -10.56 -3.29
N ILE C 31 -7.26 -9.83 -3.56
CA ILE C 31 -6.33 -10.22 -4.60
C ILE C 31 -4.99 -9.60 -4.30
N GLY C 32 -3.92 -10.25 -4.76
CA GLY C 32 -2.59 -9.75 -4.49
C GLY C 32 -1.57 -10.36 -5.42
N LYS C 33 -0.33 -9.93 -5.23
CA LYS C 33 0.79 -10.32 -6.09
C LYS C 33 1.86 -10.94 -5.20
N PRO C 34 1.90 -12.27 -5.11
CA PRO C 34 2.79 -12.92 -4.13
C PRO C 34 4.25 -12.56 -4.28
N TYR C 35 4.76 -12.43 -5.52
CA TYR C 35 6.18 -12.13 -5.72
C TYR C 35 6.48 -10.65 -5.59
N GLU C 36 5.47 -9.78 -5.66
CA GLU C 36 5.65 -8.37 -5.33
C GLU C 36 5.49 -8.07 -3.85
N GLY C 37 4.80 -8.95 -3.12
CA GLY C 37 4.59 -8.74 -1.70
C GLY C 37 3.49 -7.75 -1.38
N THR C 38 2.47 -7.62 -2.23
CA THR C 38 1.37 -6.68 -2.03
C THR C 38 0.04 -7.39 -2.16
N GLN C 39 -0.95 -6.94 -1.38
CA GLN C 39 -2.25 -7.57 -1.40
C GLN C 39 -3.29 -6.59 -0.90
N THR C 40 -4.52 -6.79 -1.36
CA THR C 40 -5.66 -5.97 -0.97
C THR C 40 -6.83 -6.87 -0.63
N LEU C 41 -7.46 -6.61 0.51
CA LEU C 41 -8.57 -7.41 0.99
C LEU C 41 -9.78 -6.52 1.22
N ASP C 42 -10.95 -7.00 0.81
CA ASP C 42 -12.23 -6.37 1.15
C ASP C 42 -12.89 -7.21 2.23
N LEU C 43 -13.13 -6.62 3.40
CA LEU C 43 -13.56 -7.35 4.58
C LEU C 43 -14.97 -6.90 4.98
N THR C 44 -15.80 -7.86 5.39
CA THR C 44 -17.20 -7.60 5.71
C THR C 44 -17.55 -8.25 7.04
N VAL C 45 -18.09 -7.47 7.96
CA VAL C 45 -18.57 -8.02 9.23
C VAL C 45 -19.90 -8.72 8.97
N GLU C 46 -19.92 -10.04 9.19
CA GLU C 46 -21.12 -10.83 8.96
C GLU C 46 -21.95 -11.03 10.23
N GLU C 47 -21.31 -11.07 11.39
CA GLU C 47 -21.99 -11.17 12.67
C GLU C 47 -21.26 -10.32 13.69
N GLY C 48 -22.02 -9.74 14.61
CA GLY C 48 -21.45 -8.98 15.70
C GLY C 48 -21.34 -7.48 15.47
N ALA C 49 -21.97 -6.95 14.43
CA ALA C 49 -21.93 -5.51 14.20
C ALA C 49 -22.76 -4.78 15.24
N PRO C 50 -22.35 -3.56 15.64
CA PRO C 50 -21.09 -2.89 15.30
C PRO C 50 -19.97 -3.36 16.21
N LEU C 51 -18.78 -3.65 15.69
CA LEU C 51 -17.70 -4.11 16.55
C LEU C 51 -17.39 -3.05 17.59
N PRO C 52 -17.37 -3.40 18.89
CA PRO C 52 -17.13 -2.39 19.93
C PRO C 52 -15.66 -2.20 20.27
N PHE C 53 -14.77 -2.59 19.38
CA PHE C 53 -13.33 -2.49 19.64
C PHE C 53 -12.61 -2.04 18.38
N SER C 54 -11.37 -1.56 18.56
CA SER C 54 -10.50 -1.13 17.47
C SER C 54 -10.32 -2.22 16.42
N TYR C 55 -10.69 -1.91 15.19
CA TYR C 55 -10.50 -2.86 14.10
C TYR C 55 -9.03 -3.19 13.88
N ASP C 56 -8.11 -2.25 14.22
CA ASP C 56 -6.69 -2.47 13.98
C ASP C 56 -6.18 -3.75 14.66
N ILE C 57 -6.75 -4.16 15.79
CA ILE C 57 -6.21 -5.34 16.47
C ILE C 57 -6.42 -6.60 15.63
N LEU C 58 -7.34 -6.57 14.67
CA LEU C 58 -7.59 -7.73 13.83
C LEU C 58 -6.74 -7.77 12.57
N THR C 59 -6.15 -6.64 12.14
CA THR C 59 -5.74 -6.61 10.75
C THR C 59 -4.55 -7.52 10.44
N PRO C 60 -3.51 -7.66 11.28
CA PRO C 60 -2.43 -8.60 10.93
C PRO C 60 -2.88 -10.07 10.93
N ALA C 61 -4.08 -10.38 11.42
CA ALA C 61 -4.60 -11.73 11.28
C ALA C 61 -5.20 -11.97 9.91
N PHE C 62 -5.71 -10.93 9.24
CA PHE C 62 -6.14 -11.04 7.85
C PHE C 62 -4.95 -11.04 6.88
N1 CRQ C 63 -3.90 -10.29 7.21
CA1 CRQ C 63 -2.77 -9.91 6.79
CB1 CRQ C 63 -2.62 -8.78 5.75
CG1 CRQ C 63 -3.84 -8.63 4.85
C1 CRQ C 63 -1.53 -10.46 7.50
N2 CRQ C 63 -0.50 -9.61 7.95
N3 CRQ C 63 -1.30 -11.84 7.92
C2 CRQ C 63 -0.01 -11.82 8.65
O2 CRQ C 63 0.54 -12.75 9.14
CA2 CRQ C 63 0.47 -10.38 8.65
CA3 CRQ C 63 -2.17 -12.97 7.72
CB2 CRQ C 63 1.61 -10.00 9.19
CG2 CRQ C 63 1.99 -8.58 9.58
CD1 CRQ C 63 1.42 -7.46 8.98
CD2 CRQ C 63 2.98 -8.44 10.55
CE1 CRQ C 63 1.84 -6.18 9.36
CE2 CRQ C 63 3.39 -7.17 10.94
CZ CRQ C 63 2.82 -6.06 10.34
OH CRQ C 63 3.25 -4.80 10.73
OE1 CRQ C 63 -3.44 -6.27 4.71
C3 CRQ C 63 -1.83 -13.97 6.65
O3 CRQ C 63 -2.29 -15.14 6.80
CD3 CRQ C 63 -3.85 -7.26 4.16
NE1 CRQ C 63 -4.36 -7.16 2.83
N ASN C 64 -0.89 -13.68 5.77
CA ASN C 64 -0.39 -14.72 4.88
C ASN C 64 0.94 -14.33 4.26
N ARG C 65 2.02 -14.87 4.81
CA ARG C 65 3.37 -14.50 4.38
C ARG C 65 3.73 -15.04 3.00
N ALA C 66 2.84 -15.80 2.34
CA ALA C 66 2.99 -16.03 0.90
C ALA C 66 3.04 -14.71 0.14
N PHE C 67 2.39 -13.67 0.66
CA PHE C 67 2.47 -12.33 0.07
C PHE C 67 3.67 -11.58 0.65
N THR C 68 4.86 -12.06 0.29
CA THR C 68 6.09 -11.43 0.71
C THR C 68 7.06 -11.49 -0.45
N LYS C 69 7.68 -10.36 -0.81
CA LYS C 69 8.75 -10.40 -1.80
C LYS C 69 10.00 -11.04 -1.19
N TYR C 70 10.40 -12.22 -1.70
CA TYR C 70 11.59 -12.90 -1.19
C TYR C 70 12.72 -12.84 -2.20
N PRO C 71 13.93 -12.45 -1.80
CA PRO C 71 15.07 -12.55 -2.71
C PRO C 71 15.43 -14.00 -2.98
N GLU C 72 16.13 -14.19 -4.11
CA GLU C 72 16.46 -15.54 -4.56
C GLU C 72 17.34 -16.29 -3.57
N ASP C 73 18.16 -15.58 -2.79
CA ASP C 73 19.11 -16.25 -1.90
C ASP C 73 18.54 -16.53 -0.50
N ILE C 74 17.26 -16.24 -0.26
CA ILE C 74 16.64 -16.64 1.00
C ILE C 74 15.51 -17.62 0.68
N PRO C 75 15.60 -18.88 1.09
CA PRO C 75 14.51 -19.81 0.79
C PRO C 75 13.18 -19.29 1.30
N ASP C 76 12.15 -19.40 0.45
CA ASP C 76 10.83 -18.84 0.70
C ASP C 76 9.98 -19.91 1.35
N TYR C 77 10.01 -19.97 2.69
CA TYR C 77 9.30 -21.00 3.44
C TYR C 77 7.82 -21.07 3.05
N PHE C 78 7.23 -19.92 2.73
CA PHE C 78 5.78 -19.84 2.54
C PHE C 78 5.36 -20.26 1.14
N LYS C 79 6.02 -19.75 0.09
CA LYS C 79 5.65 -20.22 -1.25
C LYS C 79 5.96 -21.70 -1.44
N GLN C 80 7.08 -22.18 -0.88
CA GLN C 80 7.39 -23.61 -0.91
C GLN C 80 6.29 -24.46 -0.26
N ALA C 81 5.57 -23.92 0.73
CA ALA C 81 4.57 -24.74 1.43
C ALA C 81 3.38 -25.11 0.57
N PHE C 82 3.24 -24.55 -0.62
CA PHE C 82 2.05 -24.84 -1.42
C PHE C 82 2.37 -25.85 -2.51
N PRO C 83 1.37 -26.59 -3.01
CA PRO C 83 -0.08 -26.43 -2.80
C PRO C 83 -0.64 -26.92 -1.46
N GLU C 84 0.08 -27.77 -0.72
CA GLU C 84 -0.51 -28.39 0.48
C GLU C 84 -0.87 -27.34 1.54
N GLY C 85 -0.08 -26.27 1.65
CA GLY C 85 -0.43 -25.17 2.55
C GLY C 85 0.35 -25.17 3.87
N TYR C 86 -0.06 -24.26 4.75
CA TYR C 86 0.53 -24.13 6.08
C TYR C 86 -0.48 -23.51 7.02
N SER C 87 -0.12 -23.49 8.30
CA SER C 87 -0.89 -22.82 9.33
C SER C 87 0.04 -21.96 10.17
N TRP C 88 -0.51 -20.94 10.81
CA TRP C 88 0.26 -20.17 11.76
C TRP C 88 -0.59 -19.89 12.99
N GLU C 89 0.08 -19.73 14.12
CA GLU C 89 -0.54 -19.30 15.36
C GLU C 89 0.27 -18.15 15.90
N ARG C 90 -0.41 -17.19 16.52
CA ARG C 90 0.25 -15.97 16.95
C ARG C 90 -0.28 -15.52 18.30
N SER C 91 0.63 -15.14 19.19
CA SER C 91 0.29 -14.48 20.43
C SER C 91 0.61 -13.00 20.29
N MET C 92 -0.30 -12.16 20.78
CA MET C 92 -0.16 -10.70 20.68
C MET C 92 -0.38 -10.10 22.06
N THR C 93 0.72 -9.68 22.72
CA THR C 93 0.67 -9.24 24.12
C THR C 93 0.84 -7.72 24.17
N TYR C 94 -0.24 -7.02 24.50
CA TYR C 94 -0.24 -5.56 24.50
C TYR C 94 0.33 -5.01 25.82
N GLU C 95 0.82 -3.77 25.75
CA GLU C 95 1.54 -3.18 26.89
C GLU C 95 0.66 -2.98 28.12
N ASP C 96 -0.66 -2.85 27.95
CA ASP C 96 -1.56 -2.80 29.10
C ASP C 96 -2.11 -4.18 29.46
N GLN C 97 -1.49 -5.25 28.97
CA GLN C 97 -1.85 -6.65 29.23
C GLN C 97 -3.13 -7.12 28.55
N GLY C 98 -3.73 -6.35 27.64
CA GLY C 98 -4.62 -6.96 26.67
C GLY C 98 -3.90 -8.09 25.96
N ILE C 99 -4.63 -9.12 25.56
CA ILE C 99 -3.96 -10.26 24.94
C ILE C 99 -4.89 -10.86 23.89
N CYS C 100 -4.34 -11.15 22.72
CA CYS C 100 -5.05 -11.85 21.66
C CYS C 100 -4.24 -13.03 21.19
N ILE C 101 -4.94 -14.11 20.86
CA ILE C 101 -4.36 -15.35 20.37
C ILE C 101 -5.13 -15.69 19.10
N ALA C 102 -4.41 -15.89 18.00
CA ALA C 102 -5.02 -16.17 16.72
C ALA C 102 -4.38 -17.41 16.11
N THR C 103 -5.21 -18.21 15.43
CA THR C 103 -4.77 -19.37 14.69
C THR C 103 -5.36 -19.26 13.28
N SER C 104 -4.56 -19.56 12.26
CA SER C 104 -5.11 -19.54 10.91
C SER C 104 -4.58 -20.71 10.09
N ASP C 105 -5.47 -21.38 9.37
CA ASP C 105 -5.13 -22.48 8.48
C ASP C 105 -5.25 -22.00 7.04
N ILE C 106 -4.16 -22.09 6.27
CA ILE C 106 -4.12 -21.55 4.92
C ILE C 106 -4.01 -22.69 3.90
N THR C 107 -4.95 -22.72 2.95
CA THR C 107 -4.95 -23.69 1.87
C THR C 107 -5.10 -22.94 0.54
N MET C 108 -5.13 -23.71 -0.55
CA MET C 108 -5.17 -23.18 -1.90
C MET C 108 -5.99 -24.10 -2.79
N GLU C 109 -6.84 -23.49 -3.63
CA GLU C 109 -7.54 -24.18 -4.71
C GLU C 109 -7.43 -23.29 -5.93
N GLY C 110 -6.85 -23.81 -7.01
CA GLY C 110 -6.68 -23.00 -8.21
C GLY C 110 -5.80 -21.79 -7.93
N ASP C 111 -6.25 -20.62 -8.38
CA ASP C 111 -5.51 -19.40 -8.18
C ASP C 111 -5.99 -18.61 -6.95
N CYS C 112 -6.45 -19.31 -5.91
CA CYS C 112 -7.05 -18.65 -4.76
C CYS C 112 -6.60 -19.28 -3.46
N PHE C 113 -6.11 -18.46 -2.52
CA PHE C 113 -5.86 -18.89 -1.15
C PHE C 113 -7.15 -18.89 -0.36
N PHE C 114 -7.23 -19.79 0.62
CA PHE C 114 -8.36 -19.86 1.56
C PHE C 114 -7.83 -19.86 2.99
N TYR C 115 -8.36 -18.97 3.83
CA TYR C 115 -7.96 -18.91 5.24
C TYR C 115 -9.14 -19.25 6.12
N GLU C 116 -8.90 -20.06 7.14
CA GLU C 116 -9.87 -20.26 8.21
C GLU C 116 -9.21 -19.78 9.49
N ILE C 117 -9.77 -18.72 10.09
CA ILE C 117 -9.09 -17.96 11.13
C ILE C 117 -9.94 -17.96 12.39
N ARG C 118 -9.32 -18.30 13.51
CA ARG C 118 -9.90 -18.11 14.84
C ARG C 118 -9.16 -16.99 15.55
N PHE C 119 -9.90 -16.10 16.21
CA PHE C 119 -9.31 -14.95 16.87
C PHE C 119 -9.91 -14.83 18.26
N ASP C 120 -9.08 -14.87 19.30
CA ASP C 120 -9.57 -14.72 20.67
C ASP C 120 -8.76 -13.65 21.37
N GLY C 121 -9.43 -12.61 21.84
CA GLY C 121 -8.78 -11.57 22.62
C GLY C 121 -9.58 -11.25 23.86
N THR C 122 -8.87 -10.84 24.91
CA THR C 122 -9.55 -10.49 26.15
C THR C 122 -8.56 -9.75 27.03
N ASN C 123 -9.04 -9.34 28.21
CA ASN C 123 -8.27 -8.60 29.22
C ASN C 123 -7.93 -7.18 28.78
N PHE C 124 -8.69 -6.62 27.84
CA PHE C 124 -8.43 -5.23 27.46
C PHE C 124 -9.14 -4.29 28.44
N PRO C 125 -8.41 -3.35 29.05
CA PRO C 125 -9.05 -2.39 29.96
C PRO C 125 -10.20 -1.68 29.28
N PRO C 126 -11.33 -1.50 29.97
CA PRO C 126 -12.52 -0.93 29.31
C PRO C 126 -12.34 0.52 28.87
N ASN C 127 -11.44 1.26 29.49
CA ASN C 127 -11.14 2.62 29.06
C ASN C 127 -9.83 2.70 28.31
N GLY C 128 -9.31 1.56 27.83
CA GLY C 128 -8.09 1.57 27.05
C GLY C 128 -8.37 1.90 25.60
N PRO C 129 -7.29 2.13 24.84
CA PRO C 129 -7.48 2.59 23.45
C PRO C 129 -8.10 1.53 22.54
N VAL C 130 -8.08 0.26 22.92
CA VAL C 130 -8.71 -0.76 22.08
C VAL C 130 -10.24 -0.72 22.24
N MET C 131 -10.71 -0.77 23.49
CA MET C 131 -12.14 -0.74 23.74
C MET C 131 -12.75 0.64 23.50
N GLN C 132 -11.95 1.71 23.62
CA GLN C 132 -12.40 3.05 23.29
C GLN C 132 -12.12 3.45 21.84
N LYS C 133 -11.60 2.54 21.03
CA LYS C 133 -11.40 2.78 19.59
C LYS C 133 -10.60 4.06 19.33
N LYS C 134 -9.48 4.20 20.04
CA LYS C 134 -8.62 5.37 19.94
C LYS C 134 -7.38 5.13 19.07
N THR C 135 -7.34 4.05 18.29
CA THR C 135 -6.18 3.74 17.46
CA THR C 135 -6.19 3.75 17.46
C THR C 135 -6.36 4.32 16.06
N LEU C 136 -5.24 4.73 15.47
CA LEU C 136 -5.20 5.24 14.10
C LEU C 136 -4.66 4.23 13.10
N LYS C 137 -3.60 3.50 13.43
CA LYS C 137 -2.94 2.60 12.47
C LYS C 137 -1.80 1.89 13.19
N TRP C 138 -1.32 0.82 12.56
CA TRP C 138 -0.06 0.22 12.97
C TRP C 138 1.09 0.99 12.34
N GLU C 139 2.17 1.18 13.10
CA GLU C 139 3.40 1.67 12.49
C GLU C 139 4.02 0.57 11.63
N PRO C 140 4.72 0.94 10.55
CA PRO C 140 5.49 -0.06 9.80
C PRO C 140 6.47 -0.77 10.73
N SER C 141 6.73 -2.05 10.43
CA SER C 141 7.40 -2.90 11.39
C SER C 141 8.43 -3.79 10.69
N THR C 142 9.26 -4.44 11.51
CA THR C 142 10.27 -5.39 11.03
C THR C 142 10.20 -6.66 11.87
N GLU C 143 9.85 -7.77 11.22
CA GLU C 143 9.66 -9.07 11.88
C GLU C 143 10.96 -9.85 11.77
N LYS C 144 11.42 -10.41 12.88
CA LYS C 144 12.63 -11.21 12.88
C LYS C 144 12.23 -12.67 12.74
N MET C 145 12.62 -13.27 11.62
CA MET C 145 12.32 -14.64 11.23
C MET C 145 13.49 -15.56 11.59
N TYR C 146 13.19 -16.71 12.20
CA TYR C 146 14.23 -17.65 12.59
C TYR C 146 13.65 -19.06 12.66
N VAL C 147 14.47 -20.06 12.31
CA VAL C 147 14.06 -21.46 12.34
C VAL C 147 14.33 -22.01 13.73
N GLU C 148 13.31 -22.61 14.33
CA GLU C 148 13.45 -23.24 15.64
C GLU C 148 12.56 -24.47 15.67
N ASP C 149 13.11 -25.59 16.17
CA ASP C 149 12.40 -26.86 16.22
C ASP C 149 11.82 -27.23 14.85
N GLY C 150 12.60 -26.97 13.81
CA GLY C 150 12.23 -27.41 12.48
C GLY C 150 11.09 -26.66 11.82
N VAL C 151 10.60 -25.58 12.42
CA VAL C 151 9.57 -24.75 11.82
C VAL C 151 10.06 -23.31 11.82
N LEU C 152 9.30 -22.42 11.18
CA LEU C 152 9.67 -21.01 11.09
C LEU C 152 8.90 -20.21 12.14
N LYS C 153 9.62 -19.36 12.86
CA LYS C 153 9.02 -18.49 13.87
C LYS C 153 9.37 -17.04 13.56
N GLY C 154 8.53 -16.14 14.06
CA GLY C 154 8.75 -14.72 13.87
C GLY C 154 8.44 -13.93 15.13
N ASP C 155 9.31 -12.98 15.47
CA ASP C 155 9.03 -12.01 16.51
C ASP C 155 8.98 -10.62 15.91
N VAL C 156 7.98 -9.82 16.30
CA VAL C 156 7.95 -8.42 15.89
C VAL C 156 7.37 -7.56 17.02
N GLU C 157 8.09 -6.49 17.36
CA GLU C 157 7.61 -5.46 18.27
C GLU C 157 6.77 -4.45 17.48
N MET C 158 5.47 -4.42 17.74
CA MET C 158 4.53 -3.58 17.02
C MET C 158 4.12 -2.36 17.84
N ALA C 159 3.58 -1.36 17.15
CA ALA C 159 3.15 -0.12 17.78
C ALA C 159 1.94 0.42 17.05
N LEU C 160 0.86 0.62 17.78
CA LEU C 160 -0.31 1.31 17.27
C LEU C 160 -0.18 2.80 17.56
N LEU C 161 -0.21 3.63 16.51
CA LEU C 161 -0.31 5.08 16.69
C LEU C 161 -1.69 5.42 17.23
N LEU C 162 -1.73 6.27 18.25
CA LEU C 162 -2.98 6.65 18.91
C LEU C 162 -3.45 8.03 18.47
N GLU C 163 -4.76 8.27 18.58
CA GLU C 163 -5.25 9.62 18.39
C GLU C 163 -4.62 10.55 19.41
N GLY C 164 -4.23 11.74 18.96
CA GLY C 164 -3.44 12.64 19.78
C GLY C 164 -1.99 12.26 19.87
N GLY C 165 -1.48 11.50 18.90
CA GLY C 165 -0.10 11.06 18.94
C GLY C 165 0.14 10.07 20.07
N GLY C 166 1.38 9.61 20.14
CA GLY C 166 1.73 8.60 21.11
C GLY C 166 1.37 7.21 20.64
N HIS C 167 1.94 6.22 21.30
CA HIS C 167 1.91 4.85 20.80
C HIS C 167 1.50 3.87 21.89
N TYR C 168 0.89 2.77 21.42
CA TYR C 168 0.37 1.70 22.24
C TYR C 168 0.99 0.43 21.69
N ARG C 169 1.83 -0.23 22.49
CA ARG C 169 2.77 -1.21 21.97
C ARG C 169 2.27 -2.63 22.18
N CYS C 170 2.72 -3.52 21.29
CA CYS C 170 2.36 -4.93 21.34
C CYS C 170 3.55 -5.81 20.93
N ASP C 171 3.68 -6.96 21.56
CA ASP C 171 4.72 -7.92 21.18
C ASP C 171 4.05 -9.10 20.49
N PHE C 172 4.44 -9.36 19.24
CA PHE C 172 3.94 -10.49 18.46
C PHE C 172 4.95 -11.63 18.52
N LYS C 173 4.46 -12.83 18.77
CA LYS C 173 5.21 -14.06 18.53
C LYS C 173 4.39 -14.95 17.61
N THR C 174 4.99 -15.41 16.52
CA THR C 174 4.27 -16.24 15.58
C THR C 174 5.05 -17.50 15.27
N THR C 175 4.35 -18.63 15.18
CA THR C 175 4.91 -19.86 14.65
C THR C 175 4.20 -20.20 13.36
N TYR C 176 4.97 -20.41 12.30
CA TYR C 176 4.50 -20.81 10.98
C TYR C 176 4.94 -22.24 10.71
N LYS C 177 4.01 -23.13 10.37
CA LYS C 177 4.35 -24.54 10.12
C LYS C 177 3.78 -25.02 8.80
N ALA C 178 4.65 -25.34 7.85
CA ALA C 178 4.20 -25.92 6.59
C ALA C 178 3.71 -27.35 6.80
N LYS C 179 2.84 -27.79 5.90
CA LYS C 179 2.32 -29.15 5.99
C LYS C 179 3.36 -30.18 5.56
N LYS C 180 4.25 -29.84 4.64
CA LYS C 180 5.29 -30.74 4.13
C LYS C 180 6.66 -30.15 4.43
N ASP C 181 7.69 -30.98 4.33
CA ASP C 181 9.05 -30.49 4.49
C ASP C 181 9.39 -29.50 3.39
N VAL C 182 9.98 -28.37 3.76
CA VAL C 182 10.44 -27.41 2.78
C VAL C 182 11.87 -27.05 3.14
N ARG C 183 12.52 -26.34 2.21
CA ARG C 183 13.88 -25.86 2.47
C ARG C 183 13.82 -24.69 3.45
N LEU C 184 14.52 -24.84 4.56
CA LEU C 184 14.43 -23.84 5.62
C LEU C 184 15.42 -22.71 5.39
N PRO C 185 15.03 -21.47 5.62
CA PRO C 185 15.96 -20.35 5.46
C PRO C 185 16.82 -20.18 6.69
N ASP C 186 17.85 -19.35 6.53
CA ASP C 186 18.56 -18.82 7.68
C ASP C 186 17.83 -17.60 8.22
N ALA C 187 18.26 -17.13 9.38
CA ALA C 187 17.56 -16.06 10.06
C ALA C 187 17.55 -14.82 9.18
N HIS C 188 16.38 -14.20 9.08
CA HIS C 188 16.22 -13.04 8.21
C HIS C 188 15.08 -12.20 8.77
N GLU C 189 14.82 -11.10 8.10
CA GLU C 189 13.81 -10.14 8.55
C GLU C 189 12.80 -9.89 7.44
N VAL C 190 11.58 -9.54 7.85
CA VAL C 190 10.52 -9.13 6.93
C VAL C 190 10.03 -7.75 7.36
N ASP C 191 10.08 -6.81 6.42
CA ASP C 191 9.57 -5.46 6.63
C ASP C 191 8.12 -5.40 6.21
N HIS C 192 7.25 -4.87 7.08
CA HIS C 192 5.81 -4.80 6.80
C HIS C 192 5.30 -3.37 6.82
N ARG C 193 4.28 -3.12 6.00
CA ARG C 193 3.43 -1.94 6.13
C ARG C 193 2.00 -2.38 5.89
N ILE C 194 1.13 -2.23 6.88
CA ILE C 194 -0.27 -2.60 6.76
C ILE C 194 -1.13 -1.37 6.97
N GLU C 195 -2.16 -1.24 6.15
CA GLU C 195 -2.93 0.00 6.10
C GLU C 195 -4.38 -0.29 5.79
N ILE C 196 -5.28 0.28 6.58
CA ILE C 196 -6.69 0.32 6.21
C ILE C 196 -6.84 1.47 5.21
N LEU C 197 -7.16 1.13 3.96
CA LEU C 197 -7.26 2.12 2.88
C LEU C 197 -8.54 2.92 2.96
N SER C 198 -9.63 2.26 3.34
CA SER C 198 -10.94 2.90 3.47
C SER C 198 -11.83 1.99 4.30
N HIS C 199 -12.88 2.59 4.88
CA HIS C 199 -13.81 1.87 5.74
C HIS C 199 -15.09 2.67 5.85
N ASP C 200 -16.22 1.99 6.10
CA ASP C 200 -17.42 2.73 6.47
C ASP C 200 -17.38 3.10 7.96
N LYS C 201 -18.46 3.70 8.45
CA LYS C 201 -18.43 4.31 9.78
C LYS C 201 -18.16 3.30 10.87
N ASP C 202 -18.85 2.16 10.84
CA ASP C 202 -18.72 1.16 11.89
C ASP C 202 -17.72 0.05 11.55
N TYR C 203 -16.87 0.27 10.54
CA TYR C 203 -15.93 -0.75 10.05
C TYR C 203 -16.63 -2.06 9.70
N ASN C 204 -17.90 -2.00 9.31
CA ASN C 204 -18.56 -3.17 8.75
C ASN C 204 -17.96 -3.53 7.40
N LYS C 205 -17.43 -2.54 6.69
CA LYS C 205 -16.75 -2.72 5.42
C LYS C 205 -15.40 -2.04 5.51
N VAL C 206 -14.34 -2.79 5.23
CA VAL C 206 -12.97 -2.32 5.40
C VAL C 206 -12.19 -2.80 4.18
N ARG C 207 -11.38 -1.91 3.60
CA ARG C 207 -10.43 -2.31 2.57
C ARG C 207 -9.02 -2.22 3.16
N LEU C 208 -8.27 -3.31 3.03
CA LEU C 208 -7.05 -3.53 3.81
C LEU C 208 -5.89 -3.91 2.91
N TYR C 209 -4.75 -3.26 3.12
CA TYR C 209 -3.58 -3.35 2.25
C TYR C 209 -2.34 -3.67 3.07
N GLU C 210 -1.49 -4.54 2.53
CA GLU C 210 -0.21 -4.88 3.13
C GLU C 210 0.85 -4.97 2.05
N HIS C 211 2.03 -4.43 2.35
CA HIS C 211 3.24 -4.62 1.56
C HIS C 211 4.34 -5.20 2.46
N ALA C 212 4.99 -6.27 2.01
CA ALA C 212 6.00 -6.93 2.84
C ALA C 212 7.15 -7.43 1.97
N GLU C 213 8.39 -7.35 2.51
CA GLU C 213 9.59 -7.77 1.79
C GLU C 213 10.59 -8.36 2.77
N ALA C 214 11.23 -9.45 2.36
CA ALA C 214 12.23 -10.14 3.16
C ALA C 214 13.64 -9.70 2.80
N ARG C 215 14.54 -9.73 3.78
CA ARG C 215 15.93 -9.33 3.56
C ARG C 215 16.75 -9.78 4.75
N TYR C 216 18.08 -9.83 4.55
CA TYR C 216 18.98 -10.08 5.66
C TYR C 216 19.06 -8.87 6.57
N SER C 217 19.42 -9.11 7.83
CA SER C 217 19.43 -8.02 8.81
C SER C 217 20.60 -7.08 8.54
N GLY C 218 21.79 -7.62 8.25
CA GLY C 218 22.95 -6.82 7.97
C GLY C 218 23.18 -6.65 6.47
N GLY C 219 24.14 -5.81 6.14
CA GLY C 219 24.46 -5.54 4.74
C GLY C 219 23.41 -4.72 4.03
N VAL D 6 -20.98 -30.90 28.03
CA VAL D 6 -20.02 -29.79 27.90
C VAL D 6 -19.61 -29.31 29.29
N GLN D 7 -18.34 -29.55 29.64
CA GLN D 7 -17.93 -29.58 31.03
C GLN D 7 -16.45 -29.25 31.15
N LEU D 8 -16.09 -28.52 32.20
CA LEU D 8 -14.70 -28.21 32.52
C LEU D 8 -14.39 -28.68 33.94
N VAL D 9 -13.34 -29.47 34.10
CA VAL D 9 -12.94 -29.94 35.42
C VAL D 9 -11.50 -29.53 35.70
N GLU D 10 -11.32 -28.68 36.70
CA GLU D 10 -9.99 -28.30 37.16
C GLU D 10 -9.53 -29.21 38.29
N SER D 11 -8.23 -29.47 38.32
CA SER D 11 -7.64 -30.36 39.31
C SER D 11 -6.20 -29.95 39.55
N GLY D 12 -5.69 -30.30 40.73
CA GLY D 12 -4.28 -30.12 41.03
C GLY D 12 -4.01 -29.13 42.11
N GLY D 13 -5.03 -28.41 42.57
CA GLY D 13 -4.83 -27.45 43.65
C GLY D 13 -4.54 -28.16 44.96
N GLY D 14 -3.59 -27.60 45.70
CA GLY D 14 -3.23 -28.22 46.96
C GLY D 14 -2.44 -27.27 47.82
N LEU D 15 -1.83 -27.86 48.86
CA LEU D 15 -1.04 -27.15 49.85
C LEU D 15 0.44 -27.15 49.44
N VAL D 16 1.08 -25.99 49.53
CA VAL D 16 2.48 -25.82 49.18
C VAL D 16 3.08 -24.69 50.01
N GLN D 17 4.39 -24.72 50.18
CA GLN D 17 5.14 -23.67 50.87
C GLN D 17 5.63 -22.63 49.87
N ALA D 18 5.80 -21.38 50.35
CA ALA D 18 6.36 -20.34 49.50
C ALA D 18 7.65 -20.84 48.85
N GLY D 19 7.81 -20.52 47.56
CA GLY D 19 8.84 -21.13 46.74
C GLY D 19 8.48 -22.46 46.11
N GLY D 20 7.34 -23.05 46.48
CA GLY D 20 6.99 -24.39 46.03
C GLY D 20 6.37 -24.42 44.65
N SER D 21 6.00 -25.64 44.23
CA SER D 21 5.43 -25.90 42.91
C SER D 21 4.13 -26.70 43.00
N LEU D 22 3.22 -26.41 42.08
CA LEU D 22 2.02 -27.21 41.84
C LEU D 22 1.85 -27.36 40.33
N ARG D 23 1.13 -28.41 39.93
CA ARG D 23 0.76 -28.58 38.54
C ARG D 23 -0.76 -28.69 38.49
N LEU D 24 -1.41 -27.76 37.80
CA LEU D 24 -2.86 -27.82 37.63
C LEU D 24 -3.19 -28.44 36.29
N SER D 25 -4.40 -28.97 36.20
CA SER D 25 -4.92 -29.49 34.95
C SER D 25 -6.35 -29.02 34.78
N CYS D 26 -6.78 -29.03 33.53
CA CYS D 26 -8.15 -28.64 33.20
C CYS D 26 -8.60 -29.52 32.04
N ALA D 27 -9.50 -30.45 32.32
CA ALA D 27 -9.98 -31.41 31.34
C ALA D 27 -11.34 -30.97 30.85
N ALA D 28 -11.48 -30.79 29.53
CA ALA D 28 -12.73 -30.33 28.94
C ALA D 28 -13.41 -31.50 28.24
N SER D 29 -14.64 -31.80 28.67
CA SER D 29 -15.49 -32.80 28.03
C SER D 29 -16.55 -32.11 27.18
N GLY D 30 -17.03 -32.83 26.17
N GLY D 30 -17.09 -32.86 26.22
CA GLY D 30 -18.00 -32.27 25.24
CA GLY D 30 -18.00 -32.29 25.25
C GLY D 30 -17.42 -31.29 24.25
C GLY D 30 -17.28 -32.05 23.94
N PHE D 31 -16.17 -31.48 23.82
N PHE D 31 -17.50 -30.89 23.32
CA PHE D 31 -15.51 -30.54 22.93
CA PHE D 31 -16.80 -30.60 22.07
C PHE D 31 -14.61 -31.27 21.95
C PHE D 31 -15.30 -30.52 22.33
N PRO D 32 -14.50 -30.78 20.70
N PRO D 32 -14.48 -30.85 21.33
CA PRO D 32 -13.54 -31.39 19.76
CA PRO D 32 -13.03 -30.92 21.56
C PRO D 32 -12.10 -31.14 20.18
C PRO D 32 -12.39 -29.54 21.68
N VAL D 33 -11.24 -32.12 19.90
N VAL D 33 -11.32 -29.48 22.48
CA VAL D 33 -9.83 -32.02 20.24
CA VAL D 33 -10.54 -28.26 22.64
C VAL D 33 -9.21 -30.85 19.50
C VAL D 33 -9.46 -28.12 21.59
N GLY D 34 -8.42 -30.06 20.23
N GLY D 34 -9.18 -29.16 20.80
CA GLY D 34 -7.82 -28.87 19.66
CA GLY D 34 -8.08 -29.14 19.84
C GLY D 34 -8.89 -27.89 19.19
C GLY D 34 -8.15 -28.00 18.86
N ARG D 35 -8.45 -26.99 18.32
N ARG D 35 -9.34 -27.46 18.61
CA ARG D 35 -9.31 -26.02 17.64
CA ARG D 35 -9.51 -26.26 17.80
C ARG D 35 -9.99 -25.05 18.60
C ARG D 35 -10.06 -25.11 18.63
N ALA D 36 -9.53 -24.94 19.85
CA ALA D 36 -9.95 -23.83 20.71
C ALA D 36 -8.79 -23.43 21.60
N SER D 37 -8.64 -22.12 21.81
CA SER D 37 -7.65 -21.66 22.77
C SER D 37 -8.17 -21.95 24.18
N MET D 38 -7.27 -22.02 25.13
CA MET D 38 -7.63 -22.28 26.51
CA MET D 38 -7.60 -22.31 26.52
C MET D 38 -6.98 -21.23 27.40
N TRP D 39 -7.68 -20.86 28.46
CA TRP D 39 -7.33 -19.68 29.22
C TRP D 39 -7.39 -20.01 30.71
N TRP D 40 -6.40 -19.55 31.48
CA TRP D 40 -6.42 -19.70 32.93
C TRP D 40 -6.69 -18.35 33.58
N TYR D 41 -7.59 -18.36 34.56
CA TYR D 41 -7.89 -17.22 35.41
C TYR D 41 -7.74 -17.66 36.85
N ARG D 42 -7.68 -16.67 37.75
CA ARG D 42 -7.69 -16.96 39.17
C ARG D 42 -8.47 -15.87 39.87
N GLN D 43 -8.98 -16.21 41.07
CA GLN D 43 -9.72 -15.27 41.88
C GLN D 43 -9.30 -15.44 43.33
N ALA D 44 -8.73 -14.40 43.89
CA ALA D 44 -8.35 -14.33 45.30
C ALA D 44 -9.51 -13.79 46.12
N PRO D 45 -9.55 -14.11 47.42
CA PRO D 45 -10.67 -13.65 48.27
C PRO D 45 -10.74 -12.13 48.34
N GLY D 46 -11.90 -11.60 48.00
CA GLY D 46 -12.12 -10.17 48.05
C GLY D 46 -11.45 -9.37 46.95
N LYS D 47 -11.07 -10.00 45.85
CA LYS D 47 -10.43 -9.30 44.75
C LYS D 47 -11.11 -9.67 43.44
N GLU D 48 -10.82 -8.89 42.41
CA GLU D 48 -11.37 -9.12 41.10
C GLU D 48 -10.73 -10.34 40.46
N ARG D 49 -11.51 -11.02 39.61
CA ARG D 49 -10.95 -12.12 38.83
CA ARG D 49 -10.97 -12.12 38.81
C ARG D 49 -9.84 -11.61 37.92
N GLU D 50 -8.76 -12.36 37.82
CA GLU D 50 -7.67 -11.88 36.99
C GLU D 50 -7.14 -12.96 36.07
N TRP D 51 -6.72 -12.51 34.88
CA TRP D 51 -6.20 -13.40 33.85
C TRP D 51 -4.80 -13.86 34.21
N VAL D 52 -4.50 -15.13 33.93
CA VAL D 52 -3.23 -15.75 34.32
C VAL D 52 -2.40 -16.18 33.12
N ALA D 53 -2.96 -17.01 32.22
CA ALA D 53 -2.21 -17.49 31.06
C ALA D 53 -3.18 -17.93 29.97
N ALA D 54 -2.64 -18.10 28.76
CA ALA D 54 -3.44 -18.51 27.60
C ALA D 54 -2.56 -19.35 26.69
N ILE D 55 -3.18 -20.29 25.98
CA ILE D 55 -2.46 -21.11 25.01
C ILE D 55 -3.32 -21.27 23.76
N SER D 56 -2.68 -21.25 22.61
CA SER D 56 -3.39 -21.38 21.35
C SER D 56 -3.95 -22.79 21.15
N SER D 57 -4.85 -22.87 20.16
CA SER D 57 -5.48 -24.12 19.71
C SER D 57 -4.47 -25.26 19.59
N TYR D 58 -3.42 -25.05 18.80
CA TYR D 58 -2.45 -26.10 18.56
C TYR D 58 -1.33 -26.14 19.59
N GLY D 59 -1.27 -25.15 20.49
CA GLY D 59 -0.23 -25.13 21.51
C GLY D 59 1.05 -24.44 21.11
N TRP D 60 1.13 -23.87 19.89
CA TRP D 60 2.39 -23.31 19.42
C TRP D 60 2.74 -22.00 20.11
N VAL D 61 1.76 -21.26 20.62
CA VAL D 61 2.03 -19.97 21.23
C VAL D 61 1.28 -19.88 22.54
N THR D 62 1.80 -19.03 23.44
CA THR D 62 1.34 -18.90 24.82
C THR D 62 1.42 -17.43 25.24
N ALA D 63 0.81 -17.11 26.37
CA ALA D 63 0.88 -15.75 26.91
C ALA D 63 0.64 -15.81 28.40
N TYR D 64 1.20 -14.85 29.13
CA TYR D 64 1.17 -14.87 30.59
C TYR D 64 0.93 -13.46 31.12
N ALA D 65 0.21 -13.36 32.24
CA ALA D 65 0.16 -12.11 32.98
C ALA D 65 1.56 -11.75 33.48
N ASP D 66 1.80 -10.45 33.67
CA ASP D 66 3.14 -10.03 34.11
C ASP D 66 3.49 -10.61 35.47
N SER D 67 2.51 -10.79 36.33
CA SER D 67 2.76 -11.23 37.70
C SER D 67 3.23 -12.68 37.79
N VAL D 68 3.01 -13.48 36.75
CA VAL D 68 3.38 -14.89 36.77
C VAL D 68 4.42 -15.23 35.70
N LYS D 69 4.78 -14.28 34.84
CA LYS D 69 5.77 -14.52 33.79
C LYS D 69 7.05 -15.10 34.37
N GLY D 70 7.60 -16.11 33.69
CA GLY D 70 8.81 -16.74 34.13
C GLY D 70 8.62 -17.78 35.23
N ARG D 71 7.52 -17.75 35.96
CA ARG D 71 7.29 -18.76 36.99
C ARG D 71 6.29 -19.83 36.57
N PHE D 72 5.30 -19.48 35.75
CA PHE D 72 4.26 -20.41 35.33
C PHE D 72 4.52 -20.80 33.88
N THR D 73 4.17 -22.04 33.54
CA THR D 73 4.20 -22.50 32.16
C THR D 73 2.87 -23.16 31.84
N ILE D 74 2.26 -22.76 30.72
CA ILE D 74 1.04 -23.37 30.24
C ILE D 74 1.39 -24.28 29.07
N SER D 75 0.69 -25.41 28.99
CA SER D 75 0.91 -26.39 27.95
C SER D 75 -0.40 -27.14 27.77
N ARG D 76 -0.47 -27.98 26.73
CA ARG D 76 -1.70 -28.72 26.56
C ARG D 76 -1.41 -30.08 25.96
N ASP D 77 -2.33 -31.01 26.20
N ASP D 77 -2.37 -30.99 26.12
CA ASP D 77 -2.30 -32.34 25.63
CA ASP D 77 -2.35 -32.32 25.50
C ASP D 77 -3.48 -32.41 24.67
C ASP D 77 -3.71 -32.48 24.82
N ASN D 78 -3.19 -32.27 23.37
N ASN D 78 -3.82 -31.99 23.58
CA ASN D 78 -4.25 -32.36 22.37
CA ASN D 78 -5.10 -32.02 22.88
C ASN D 78 -5.03 -33.67 22.50
C ASN D 78 -5.62 -33.45 22.74
N ALA D 79 -4.31 -34.79 22.63
N ALA D 79 -4.71 -34.41 22.55
CA ALA D 79 -4.94 -36.11 22.58
CA ALA D 79 -5.10 -35.81 22.48
C ALA D 79 -6.03 -36.25 23.63
C ALA D 79 -5.84 -36.27 23.73
N LYS D 80 -5.80 -35.75 24.83
N LYS D 80 -5.63 -35.61 24.86
CA LYS D 80 -6.79 -35.82 25.91
CA LYS D 80 -6.37 -35.88 26.09
C LYS D 80 -7.60 -34.54 26.04
C LYS D 80 -7.40 -34.81 26.42
N ASN D 81 -7.38 -33.56 25.16
N ASN D 81 -7.53 -33.78 25.57
CA ASN D 81 -7.85 -32.18 25.29
CA ASN D 81 -8.49 -32.69 25.78
C ASN D 81 -7.91 -31.71 26.74
C ASN D 81 -8.25 -31.98 27.12
N THR D 82 -6.77 -31.68 27.41
N THR D 82 -6.99 -31.60 27.35
CA THR D 82 -6.66 -31.00 28.68
CA THR D 82 -6.58 -31.05 28.65
C THR D 82 -5.46 -30.06 28.62
C THR D 82 -5.55 -29.94 28.46
N VAL D 83 -5.55 -29.00 29.40
CA VAL D 83 -4.52 -27.96 29.46
C VAL D 83 -3.91 -28.01 30.85
N TYR D 84 -2.61 -27.74 30.93
CA TYR D 84 -1.85 -27.83 32.18
C TYR D 84 -1.22 -26.49 32.52
N LEU D 85 -1.08 -26.22 33.82
CA LEU D 85 -0.41 -25.01 34.29
C LEU D 85 0.63 -25.42 35.31
N GLN D 86 1.90 -25.38 34.93
CA GLN D 86 2.98 -25.68 35.86
C GLN D 86 3.35 -24.40 36.61
N MET D 87 3.16 -24.40 37.92
CA MET D 87 3.39 -23.20 38.73
C MET D 87 4.59 -23.44 39.63
N ASN D 88 5.68 -22.75 39.37
CA ASN D 88 6.88 -22.84 40.21
C ASN D 88 7.11 -21.52 40.94
N SER D 89 8.03 -21.57 41.91
CA SER D 89 8.35 -20.44 42.80
C SER D 89 7.09 -19.73 43.25
N LEU D 90 6.15 -20.50 43.80
CA LEU D 90 4.87 -19.93 44.20
C LEU D 90 5.07 -18.95 45.36
N LYS D 91 4.27 -17.88 45.33
CA LYS D 91 4.23 -16.84 46.34
C LYS D 91 2.91 -16.86 47.07
N PRO D 92 2.86 -16.37 48.31
CA PRO D 92 1.56 -16.32 49.01
C PRO D 92 0.49 -15.55 48.26
N GLU D 93 0.86 -14.49 47.56
CA GLU D 93 -0.15 -13.79 46.76
C GLU D 93 -0.62 -14.56 45.54
N ASP D 94 -0.11 -15.79 45.28
CA ASP D 94 -0.67 -16.66 44.26
C ASP D 94 -1.85 -17.48 44.78
N THR D 95 -2.15 -17.38 46.07
CA THR D 95 -3.28 -18.08 46.66
C THR D 95 -4.60 -17.56 46.07
N ALA D 96 -5.42 -18.48 45.58
CA ALA D 96 -6.63 -18.12 44.84
C ALA D 96 -7.25 -19.41 44.36
N VAL D 97 -8.49 -19.32 43.90
CA VAL D 97 -9.09 -20.40 43.13
C VAL D 97 -8.74 -20.18 41.66
N TYR D 98 -8.26 -21.23 41.00
CA TYR D 98 -7.89 -21.15 39.59
C TYR D 98 -8.94 -21.82 38.73
N TYR D 99 -9.29 -21.15 37.62
CA TYR D 99 -10.32 -21.58 36.68
C TYR D 99 -9.76 -21.57 35.28
N CYS D 100 -10.19 -22.52 34.45
CA CYS D 100 -9.92 -22.46 33.03
C CYS D 100 -11.20 -22.18 32.26
N GLU D 101 -11.03 -21.68 31.04
CA GLU D 101 -12.12 -21.46 30.11
C GLU D 101 -11.68 -21.93 28.73
N VAL D 102 -12.65 -22.39 27.95
CA VAL D 102 -12.43 -22.70 26.53
C VAL D 102 -12.76 -21.46 25.73
N SER D 103 -11.83 -21.04 24.86
N SER D 103 -11.84 -21.05 24.84
CA SER D 103 -11.99 -19.87 24.01
CA SER D 103 -12.00 -19.87 24.00
C SER D 103 -12.25 -18.61 24.84
C SER D 103 -12.25 -18.62 24.84
N VAL D 104 -12.88 -17.61 24.23
CA VAL D 104 -13.20 -16.35 24.90
C VAL D 104 -14.69 -16.09 24.72
N GLY D 105 -15.35 -15.70 25.80
CA GLY D 105 -16.77 -15.39 25.75
C GLY D 105 -17.71 -16.57 25.53
N THR D 106 -17.36 -17.78 25.98
CA THR D 106 -18.29 -18.91 25.87
C THR D 106 -19.16 -19.12 27.10
N GLY D 107 -18.79 -18.55 28.26
CA GLY D 107 -19.59 -18.69 29.45
C GLY D 107 -19.50 -20.01 30.17
N TYR D 108 -18.80 -21.01 29.60
CA TYR D 108 -18.67 -22.30 30.25
C TYR D 108 -17.68 -22.20 31.41
N ARG D 109 -18.15 -22.51 32.62
CA ARG D 109 -17.40 -22.39 33.85
C ARG D 109 -17.02 -23.77 34.37
N GLY D 110 -15.89 -23.85 35.05
CA GLY D 110 -15.57 -24.94 35.93
C GLY D 110 -15.67 -24.47 37.37
N GLN D 111 -15.65 -25.44 38.29
CA GLN D 111 -15.74 -25.08 39.70
C GLN D 111 -14.46 -24.42 40.22
N GLY D 112 -13.36 -24.56 39.49
CA GLY D 112 -12.07 -24.09 39.97
C GLY D 112 -11.37 -25.12 40.85
N THR D 113 -10.12 -24.82 41.18
CA THR D 113 -9.32 -25.63 42.08
C THR D 113 -8.56 -24.68 43.01
N GLN D 114 -8.53 -24.97 44.30
CA GLN D 114 -7.93 -24.07 45.29
C GLN D 114 -6.43 -24.28 45.39
N VAL D 115 -5.67 -23.20 45.25
CA VAL D 115 -4.22 -23.18 45.44
C VAL D 115 -3.94 -22.45 46.75
N THR D 116 -3.22 -23.12 47.66
CA THR D 116 -2.89 -22.57 48.99
C THR D 116 -1.36 -22.51 49.12
N VAL D 117 -0.81 -21.31 49.20
CA VAL D 117 0.64 -21.09 49.38
C VAL D 117 0.87 -20.52 50.78
N SER D 118 1.42 -21.33 51.68
CA SER D 118 1.70 -20.82 53.02
C SER D 118 2.84 -19.80 52.99
N ALA D 119 2.93 -19.03 54.07
CA ALA D 119 3.86 -17.90 54.11
C ALA D 119 5.31 -18.33 54.27
N GLY D 120 5.57 -19.56 54.71
CA GLY D 120 6.92 -20.00 55.05
C GLY D 120 7.53 -20.94 54.02
N ARG D 121 8.84 -20.76 53.78
CA ARG D 121 9.60 -21.69 52.95
C ARG D 121 9.80 -23.02 53.66
N ALA D 122 9.89 -24.10 52.88
CA ALA D 122 9.87 -25.44 53.44
C ALA D 122 11.08 -25.74 54.33
N GLY D 123 12.18 -24.99 54.18
CA GLY D 123 13.34 -25.19 55.03
C GLY D 123 13.25 -24.43 56.35
N GLU D 124 12.03 -24.13 56.79
CA GLU D 124 11.77 -23.34 58.00
C GLU D 124 12.51 -22.00 57.98
NA NA E . 0.37 -2.16 -13.37
NA NA F . 0.70 1.83 -12.48
C ACT G . -2.19 29.19 -15.10
O ACT G . -1.83 28.80 -13.95
OXT ACT G . -3.30 29.03 -15.69
CH3 ACT G . -1.09 29.99 -15.93
C ACT H . -8.64 1.31 32.06
O ACT H . -8.00 1.09 33.13
OXT ACT H . -9.82 0.93 31.74
CH3 ACT H . -7.89 2.16 30.98
C1 GOL I . 16.87 -26.42 5.47
O1 GOL I . 16.50 -27.24 4.38
C2 GOL I . 18.24 -25.74 5.22
O2 GOL I . 18.26 -25.03 4.09
C3 GOL I . 18.50 -24.82 6.42
O3 GOL I . 18.66 -25.57 7.57
C TRS J . 8.24 -0.99 5.01
C1 TRS J . 8.93 -0.36 3.81
C2 TRS J . 9.19 -0.86 6.21
C3 TRS J . 7.87 -2.45 4.75
N TRS J . 7.01 -0.24 5.28
O1 TRS J . 9.79 0.68 4.25
O2 TRS J . 8.81 -1.66 7.32
O3 TRS J . 7.12 -2.68 3.57
C1 GOL K . -15.34 -1.36 1.61
O1 GOL K . -14.57 -2.44 1.12
C2 GOL K . -14.58 -0.01 1.28
O2 GOL K . -14.92 0.49 0.03
C3 GOL K . -14.99 0.96 2.43
O3 GOL K . -15.26 2.20 1.85
C ACT L . 6.95 -12.95 38.66
O ACT L . 6.73 -13.89 37.87
OXT ACT L . 7.47 -13.00 39.82
CH3 ACT L . 6.54 -11.49 38.16
C ACT M . -2.57 -29.02 12.90
O ACT M . -3.73 -29.51 12.82
OXT ACT M . -2.01 -28.21 12.11
CH3 ACT M . -1.75 -29.47 14.16
#